data_1TNE
# 
_entry.id   1TNE 
# 
_audit_conform.dict_name       mmcif_pdbx.dic 
_audit_conform.dict_version    5.392 
_audit_conform.dict_location   http://mmcif.pdb.org/dictionaries/ascii/mmcif_pdbx.dic 
# 
loop_
_database_2.database_id 
_database_2.database_code 
_database_2.pdbx_database_accession 
_database_2.pdbx_DOI 
PDB   1TNE         pdb_00001tne 10.2210/pdb1tne/pdb 
WWPDB D_1000176748 ?            ?                   
# 
loop_
_pdbx_audit_revision_history.ordinal 
_pdbx_audit_revision_history.data_content_type 
_pdbx_audit_revision_history.major_revision 
_pdbx_audit_revision_history.minor_revision 
_pdbx_audit_revision_history.revision_date 
1 'Structure model' 1 0 1996-07-11 
2 'Structure model' 1 1 2008-03-24 
3 'Structure model' 1 2 2011-07-13 
4 'Structure model' 1 3 2022-03-02 
5 'Structure model' 1 4 2024-05-22 
# 
_pdbx_audit_revision_details.ordinal             1 
_pdbx_audit_revision_details.revision_ordinal    1 
_pdbx_audit_revision_details.data_content_type   'Structure model' 
_pdbx_audit_revision_details.provider            repository 
_pdbx_audit_revision_details.type                'Initial release' 
_pdbx_audit_revision_details.description         ? 
_pdbx_audit_revision_details.details             ? 
# 
loop_
_pdbx_audit_revision_group.ordinal 
_pdbx_audit_revision_group.revision_ordinal 
_pdbx_audit_revision_group.data_content_type 
_pdbx_audit_revision_group.group 
1 2 'Structure model' 'Version format compliance' 
2 3 'Structure model' 'Version format compliance' 
3 4 'Structure model' 'Database references'       
4 4 'Structure model' 'Derived calculations'      
5 4 'Structure model' Other                       
6 5 'Structure model' 'Data collection'           
# 
loop_
_pdbx_audit_revision_category.ordinal 
_pdbx_audit_revision_category.revision_ordinal 
_pdbx_audit_revision_category.data_content_type 
_pdbx_audit_revision_category.category 
1 4 'Structure model' database_2            
2 4 'Structure model' pdbx_database_status  
3 4 'Structure model' pdbx_struct_assembly  
4 4 'Structure model' pdbx_struct_oper_list 
5 4 'Structure model' struct_conn           
6 5 'Structure model' chem_comp_atom        
7 5 'Structure model' chem_comp_bond        
# 
loop_
_pdbx_audit_revision_item.ordinal 
_pdbx_audit_revision_item.revision_ordinal 
_pdbx_audit_revision_item.data_content_type 
_pdbx_audit_revision_item.item 
1 4 'Structure model' '_database_2.pdbx_DOI'                
2 4 'Structure model' '_database_2.pdbx_database_accession' 
3 4 'Structure model' '_pdbx_database_status.process_site'  
4 4 'Structure model' '_struct_conn.pdbx_leaving_atom_flag' 
# 
_pdbx_database_status.status_code                     REL 
_pdbx_database_status.entry_id                        1TNE 
_pdbx_database_status.recvd_initial_deposition_date   1996-02-13 
_pdbx_database_status.deposit_site                    ? 
_pdbx_database_status.process_site                    BNL 
_pdbx_database_status.status_code_sf                  ? 
_pdbx_database_status.status_code_mr                  REL 
_pdbx_database_status.SG_entry                        ? 
_pdbx_database_status.pdb_format_compatible           Y 
_pdbx_database_status.status_code_cs                  ? 
_pdbx_database_status.status_code_nmr_data            ? 
_pdbx_database_status.methods_development_category    ? 
# 
loop_
_audit_author.name 
_audit_author.pdbx_ordinal 
'Robinson, H.'  1 
'Wang, A.H.-J.' 2 
'Sugiyama, H.'  3 
'Kawai, K.'     4 
'Matsunaga, A.' 5 
'Fujimoto, K.'  6 
'Saito, I.'     7 
# 
_citation.id                        primary 
_citation.title                     
;Synthesis, structure and thermodynamic properties of 8-methylguanine-containing oligonucleotides: Z-DNA under physiological salt conditions.
;
_citation.journal_abbrev            'Nucleic Acids Res.' 
_citation.journal_volume            24 
_citation.page_first                1272 
_citation.page_last                 1278 
_citation.year                      1996 
_citation.journal_id_ASTM           NARHAD 
_citation.country                   UK 
_citation.journal_id_ISSN           0305-1048 
_citation.journal_id_CSD            0389 
_citation.book_publisher            ? 
_citation.pdbx_database_id_PubMed   8614630 
_citation.pdbx_database_id_DOI      10.1093/nar/24.7.1272 
# 
loop_
_citation_author.citation_id 
_citation_author.name 
_citation_author.ordinal 
_citation_author.identifier_ORCID 
primary 'Sugiyama, H.'  1 ? 
primary 'Kawai, K.'     2 ? 
primary 'Matsunaga, A.' 3 ? 
primary 'Fujimoto, K.'  4 ? 
primary 'Saito, I.'     5 ? 
primary 'Robinson, H.'  6 ? 
primary 'Wang, A.H.'    7 ? 
# 
_entity.id                         1 
_entity.type                       polymer 
_entity.src_method                 syn 
_entity.pdbx_description           
;DNA (5'-D(*CP*GP*CP*(8MG)P*CP*G)-3')
;
_entity.formula_weight             1824.232 
_entity.pdbx_number_of_molecules   2 
_entity.pdbx_ec                    ? 
_entity.pdbx_mutation              ? 
_entity.pdbx_fragment              ? 
_entity.details                    ? 
# 
_entity_poly.entity_id                      1 
_entity_poly.type                           polydeoxyribonucleotide 
_entity_poly.nstd_linkage                   no 
_entity_poly.nstd_monomer                   yes 
_entity_poly.pdbx_seq_one_letter_code       '(DC)(DG)(DC)(8MG)(DC)(DG)' 
_entity_poly.pdbx_seq_one_letter_code_can   CGCGCG 
_entity_poly.pdbx_strand_id                 A,B 
_entity_poly.pdbx_target_identifier         ? 
# 
loop_
_entity_poly_seq.entity_id 
_entity_poly_seq.num 
_entity_poly_seq.mon_id 
_entity_poly_seq.hetero 
1 1 DC  n 
1 2 DG  n 
1 3 DC  n 
1 4 8MG n 
1 5 DC  n 
1 6 DG  n 
# 
loop_
_chem_comp.id 
_chem_comp.type 
_chem_comp.mon_nstd_flag 
_chem_comp.name 
_chem_comp.pdbx_synonyms 
_chem_comp.formula 
_chem_comp.formula_weight 
8MG 'DNA linking' n "8-METHYL-2'-DEOXYGUANOSINE-5'-MONOPHOSPHATE" ? 'C11 H16 N5 O7 P' 361.248 
DC  'DNA linking' y "2'-DEOXYCYTIDINE-5'-MONOPHOSPHATE"           ? 'C9 H14 N3 O7 P'  307.197 
DG  'DNA linking' y "2'-DEOXYGUANOSINE-5'-MONOPHOSPHATE"          ? 'C10 H14 N5 O7 P' 347.221 
# 
loop_
_pdbx_poly_seq_scheme.asym_id 
_pdbx_poly_seq_scheme.entity_id 
_pdbx_poly_seq_scheme.seq_id 
_pdbx_poly_seq_scheme.mon_id 
_pdbx_poly_seq_scheme.ndb_seq_num 
_pdbx_poly_seq_scheme.pdb_seq_num 
_pdbx_poly_seq_scheme.auth_seq_num 
_pdbx_poly_seq_scheme.pdb_mon_id 
_pdbx_poly_seq_scheme.auth_mon_id 
_pdbx_poly_seq_scheme.pdb_strand_id 
_pdbx_poly_seq_scheme.pdb_ins_code 
_pdbx_poly_seq_scheme.hetero 
A 1 1 DC  1 1  1  DC  C  A . n 
A 1 2 DG  2 2  2  DG  G  A . n 
A 1 3 DC  3 3  3  DC  C  A . n 
A 1 4 8MG 4 4  4  8MG +G A . n 
A 1 5 DC  5 5  5  DC  C  A . n 
A 1 6 DG  6 6  6  DG  G  A . n 
B 1 1 DC  1 7  7  DC  C  B . n 
B 1 2 DG  2 8  8  DG  G  B . n 
B 1 3 DC  3 9  9  DC  C  B . n 
B 1 4 8MG 4 10 10 8MG +G B . n 
B 1 5 DC  5 11 11 DC  C  B . n 
B 1 6 DG  6 12 12 DG  G  B . n 
# 
loop_
_software.name 
_software.classification 
_software.version 
_software.citation_id 
_software.pdbx_ordinal 
X-PLOR 'model building' 3.1 ? 1 
X-PLOR refinement       3.1 ? 2 
X-PLOR phasing          3.1 ? 3 
# 
_cell.entry_id           1TNE 
_cell.length_a           1.000 
_cell.length_b           1.000 
_cell.length_c           1.000 
_cell.angle_alpha        90.00 
_cell.angle_beta         90.00 
_cell.angle_gamma        90.00 
_cell.Z_PDB              1 
_cell.pdbx_unique_axis   ? 
# 
_symmetry.entry_id                         1TNE 
_symmetry.space_group_name_H-M             'P 1' 
_symmetry.pdbx_full_space_group_name_H-M   ? 
_symmetry.cell_setting                     ? 
_symmetry.Int_Tables_number                1 
# 
_exptl.entry_id          1TNE 
_exptl.method            'SOLUTION NMR' 
_exptl.crystals_number   ? 
# 
_struct.entry_id                  1TNE 
_struct.title                     'NMR STUDY OF Z-DNA AT PHYSIOLOGICAL SALT CONDITIONS, MINIMIZED AVERAGE STRUCTURE' 
_struct.pdbx_model_details        ? 
_struct.pdbx_CASP_flag            ? 
_struct.pdbx_model_type_details   ? 
# 
_struct_keywords.entry_id        1TNE 
_struct_keywords.pdbx_keywords   DNA 
_struct_keywords.text            'Z-DNA, DNA' 
# 
loop_
_struct_asym.id 
_struct_asym.pdbx_blank_PDB_chainid_flag 
_struct_asym.pdbx_modified 
_struct_asym.entity_id 
_struct_asym.details 
A N N 1 ? 
B N N 1 ? 
# 
_struct_ref.id                         1 
_struct_ref.entity_id                  1 
_struct_ref.db_name                    PDB 
_struct_ref.db_code                    1TNE 
_struct_ref.pdbx_db_accession          1TNE 
_struct_ref.pdbx_db_isoform            ? 
_struct_ref.pdbx_seq_one_letter_code   ? 
_struct_ref.pdbx_align_begin           ? 
# 
loop_
_struct_ref_seq.align_id 
_struct_ref_seq.ref_id 
_struct_ref_seq.pdbx_PDB_id_code 
_struct_ref_seq.pdbx_strand_id 
_struct_ref_seq.seq_align_beg 
_struct_ref_seq.pdbx_seq_align_beg_ins_code 
_struct_ref_seq.seq_align_end 
_struct_ref_seq.pdbx_seq_align_end_ins_code 
_struct_ref_seq.pdbx_db_accession 
_struct_ref_seq.db_align_beg 
_struct_ref_seq.pdbx_db_align_beg_ins_code 
_struct_ref_seq.db_align_end 
_struct_ref_seq.pdbx_db_align_end_ins_code 
_struct_ref_seq.pdbx_auth_seq_align_beg 
_struct_ref_seq.pdbx_auth_seq_align_end 
1 1 1TNE A 1 ? 6 ? 1TNE 1 ? 6  ? 1 6  
2 1 1TNE B 1 ? 6 ? 1TNE 7 ? 12 ? 7 12 
# 
_pdbx_struct_assembly.id                   1 
_pdbx_struct_assembly.details              author_defined_assembly 
_pdbx_struct_assembly.method_details       ? 
_pdbx_struct_assembly.oligomeric_details   dimeric 
_pdbx_struct_assembly.oligomeric_count     2 
# 
_pdbx_struct_assembly_gen.assembly_id       1 
_pdbx_struct_assembly_gen.oper_expression   1 
_pdbx_struct_assembly_gen.asym_id_list      A,B 
# 
_pdbx_struct_oper_list.id                   1 
_pdbx_struct_oper_list.type                 'identity operation' 
_pdbx_struct_oper_list.name                 1_555 
_pdbx_struct_oper_list.symmetry_operation   x,y,z 
_pdbx_struct_oper_list.matrix[1][1]         1.0000000000 
_pdbx_struct_oper_list.matrix[1][2]         0.0000000000 
_pdbx_struct_oper_list.matrix[1][3]         0.0000000000 
_pdbx_struct_oper_list.vector[1]            0.0000000000 
_pdbx_struct_oper_list.matrix[2][1]         0.0000000000 
_pdbx_struct_oper_list.matrix[2][2]         1.0000000000 
_pdbx_struct_oper_list.matrix[2][3]         0.0000000000 
_pdbx_struct_oper_list.vector[2]            0.0000000000 
_pdbx_struct_oper_list.matrix[3][1]         0.0000000000 
_pdbx_struct_oper_list.matrix[3][2]         0.0000000000 
_pdbx_struct_oper_list.matrix[3][3]         1.0000000000 
_pdbx_struct_oper_list.vector[3]            0.0000000000 
# 
_struct_biol.id   1 
# 
loop_
_struct_conn.id 
_struct_conn.conn_type_id 
_struct_conn.pdbx_leaving_atom_flag 
_struct_conn.pdbx_PDB_id 
_struct_conn.ptnr1_label_asym_id 
_struct_conn.ptnr1_label_comp_id 
_struct_conn.ptnr1_label_seq_id 
_struct_conn.ptnr1_label_atom_id 
_struct_conn.pdbx_ptnr1_label_alt_id 
_struct_conn.pdbx_ptnr1_PDB_ins_code 
_struct_conn.pdbx_ptnr1_standard_comp_id 
_struct_conn.ptnr1_symmetry 
_struct_conn.ptnr2_label_asym_id 
_struct_conn.ptnr2_label_comp_id 
_struct_conn.ptnr2_label_seq_id 
_struct_conn.ptnr2_label_atom_id 
_struct_conn.pdbx_ptnr2_label_alt_id 
_struct_conn.pdbx_ptnr2_PDB_ins_code 
_struct_conn.ptnr1_auth_asym_id 
_struct_conn.ptnr1_auth_comp_id 
_struct_conn.ptnr1_auth_seq_id 
_struct_conn.ptnr2_auth_asym_id 
_struct_conn.ptnr2_auth_comp_id 
_struct_conn.ptnr2_auth_seq_id 
_struct_conn.ptnr2_symmetry 
_struct_conn.pdbx_ptnr3_label_atom_id 
_struct_conn.pdbx_ptnr3_label_seq_id 
_struct_conn.pdbx_ptnr3_label_comp_id 
_struct_conn.pdbx_ptnr3_label_asym_id 
_struct_conn.pdbx_ptnr3_label_alt_id 
_struct_conn.pdbx_ptnr3_PDB_ins_code 
_struct_conn.details 
_struct_conn.pdbx_dist_value 
_struct_conn.pdbx_value_order 
_struct_conn.pdbx_role 
covale1  covale both ? A DC  3 "O3'" ? ? ? 1_555 A 8MG 4 P  ? ? A DC  3  A 8MG 4  1_555 ? ? ? ? ? ? ?            1.607 ? ? 
covale2  covale both ? A 8MG 4 "O3'" ? ? ? 1_555 A DC  5 P  ? ? A 8MG 4  A DC  5  1_555 ? ? ? ? ? ? ?            1.616 ? ? 
covale3  covale both ? B DC  3 "O3'" ? ? ? 1_555 B 8MG 4 P  ? ? B DC  9  B 8MG 10 1_555 ? ? ? ? ? ? ?            1.607 ? ? 
covale4  covale both ? B 8MG 4 "O3'" ? ? ? 1_555 B DC  5 P  ? ? B 8MG 10 B DC  11 1_555 ? ? ? ? ? ? ?            1.615 ? ? 
hydrog1  hydrog ?    ? A DC  1 N3    ? ? ? 1_555 B DG  6 N1 ? ? A DC  1  B DG  12 1_555 ? ? ? ? ? ? WATSON-CRICK ?     ? ? 
hydrog2  hydrog ?    ? A DC  1 N4    ? ? ? 1_555 B DG  6 O6 ? ? A DC  1  B DG  12 1_555 ? ? ? ? ? ? WATSON-CRICK ?     ? ? 
hydrog3  hydrog ?    ? A DC  1 O2    ? ? ? 1_555 B DG  6 N2 ? ? A DC  1  B DG  12 1_555 ? ? ? ? ? ? WATSON-CRICK ?     ? ? 
hydrog4  hydrog ?    ? A DG  2 N1    ? ? ? 1_555 B DC  5 N3 ? ? A DG  2  B DC  11 1_555 ? ? ? ? ? ? WATSON-CRICK ?     ? ? 
hydrog5  hydrog ?    ? A DG  2 N2    ? ? ? 1_555 B DC  5 O2 ? ? A DG  2  B DC  11 1_555 ? ? ? ? ? ? WATSON-CRICK ?     ? ? 
hydrog6  hydrog ?    ? A DG  2 O6    ? ? ? 1_555 B DC  5 N4 ? ? A DG  2  B DC  11 1_555 ? ? ? ? ? ? WATSON-CRICK ?     ? ? 
hydrog7  hydrog ?    ? A DC  3 N3    ? ? ? 1_555 B 8MG 4 N1 ? ? A DC  3  B 8MG 10 1_555 ? ? ? ? ? ? WATSON-CRICK ?     ? ? 
hydrog8  hydrog ?    ? A DC  3 N4    ? ? ? 1_555 B 8MG 4 O6 ? ? A DC  3  B 8MG 10 1_555 ? ? ? ? ? ? WATSON-CRICK ?     ? ? 
hydrog9  hydrog ?    ? A DC  3 O2    ? ? ? 1_555 B 8MG 4 N2 ? ? A DC  3  B 8MG 10 1_555 ? ? ? ? ? ? WATSON-CRICK ?     ? ? 
hydrog10 hydrog ?    ? A 8MG 4 N1    ? ? ? 1_555 B DC  3 N3 ? ? A 8MG 4  B DC  9  1_555 ? ? ? ? ? ? WATSON-CRICK ?     ? ? 
hydrog11 hydrog ?    ? A 8MG 4 N2    ? ? ? 1_555 B DC  3 O2 ? ? A 8MG 4  B DC  9  1_555 ? ? ? ? ? ? WATSON-CRICK ?     ? ? 
hydrog12 hydrog ?    ? A 8MG 4 O6    ? ? ? 1_555 B DC  3 N4 ? ? A 8MG 4  B DC  9  1_555 ? ? ? ? ? ? WATSON-CRICK ?     ? ? 
hydrog13 hydrog ?    ? A DC  5 N3    ? ? ? 1_555 B DG  2 N1 ? ? A DC  5  B DG  8  1_555 ? ? ? ? ? ? WATSON-CRICK ?     ? ? 
hydrog14 hydrog ?    ? A DC  5 N4    ? ? ? 1_555 B DG  2 O6 ? ? A DC  5  B DG  8  1_555 ? ? ? ? ? ? WATSON-CRICK ?     ? ? 
hydrog15 hydrog ?    ? A DC  5 O2    ? ? ? 1_555 B DG  2 N2 ? ? A DC  5  B DG  8  1_555 ? ? ? ? ? ? WATSON-CRICK ?     ? ? 
hydrog16 hydrog ?    ? A DG  6 N1    ? ? ? 1_555 B DC  1 N3 ? ? A DG  6  B DC  7  1_555 ? ? ? ? ? ? WATSON-CRICK ?     ? ? 
hydrog17 hydrog ?    ? A DG  6 N2    ? ? ? 1_555 B DC  1 O2 ? ? A DG  6  B DC  7  1_555 ? ? ? ? ? ? WATSON-CRICK ?     ? ? 
hydrog18 hydrog ?    ? A DG  6 O6    ? ? ? 1_555 B DC  1 N4 ? ? A DG  6  B DC  7  1_555 ? ? ? ? ? ? WATSON-CRICK ?     ? ? 
# 
loop_
_struct_conn_type.id 
_struct_conn_type.criteria 
_struct_conn_type.reference 
covale ? ? 
hydrog ? ? 
# 
loop_
_pdbx_validate_rmsd_angle.id 
_pdbx_validate_rmsd_angle.PDB_model_num 
_pdbx_validate_rmsd_angle.auth_atom_id_1 
_pdbx_validate_rmsd_angle.auth_asym_id_1 
_pdbx_validate_rmsd_angle.auth_comp_id_1 
_pdbx_validate_rmsd_angle.auth_seq_id_1 
_pdbx_validate_rmsd_angle.PDB_ins_code_1 
_pdbx_validate_rmsd_angle.label_alt_id_1 
_pdbx_validate_rmsd_angle.auth_atom_id_2 
_pdbx_validate_rmsd_angle.auth_asym_id_2 
_pdbx_validate_rmsd_angle.auth_comp_id_2 
_pdbx_validate_rmsd_angle.auth_seq_id_2 
_pdbx_validate_rmsd_angle.PDB_ins_code_2 
_pdbx_validate_rmsd_angle.label_alt_id_2 
_pdbx_validate_rmsd_angle.auth_atom_id_3 
_pdbx_validate_rmsd_angle.auth_asym_id_3 
_pdbx_validate_rmsd_angle.auth_comp_id_3 
_pdbx_validate_rmsd_angle.auth_seq_id_3 
_pdbx_validate_rmsd_angle.PDB_ins_code_3 
_pdbx_validate_rmsd_angle.label_alt_id_3 
_pdbx_validate_rmsd_angle.angle_value 
_pdbx_validate_rmsd_angle.angle_target_value 
_pdbx_validate_rmsd_angle.angle_deviation 
_pdbx_validate_rmsd_angle.angle_standard_deviation 
_pdbx_validate_rmsd_angle.linker_flag 
1 1 "O4'" A DC 1  ? ? "C1'" A DC 1  ? ? N1    A DC 1  ? ? 112.88 108.30 4.58 0.30 N 
2 1 "C5'" A DG 2  ? ? "C4'" A DG 2  ? ? "O4'" A DG 2  ? ? 116.52 109.80 6.72 1.10 N 
3 1 "O4'" A DC 3  ? ? "C1'" A DC 3  ? ? N1    A DC 3  ? ? 111.94 108.30 3.64 0.30 N 
4 1 "O4'" A DC 5  ? ? "C1'" A DC 5  ? ? N1    A DC 5  ? ? 111.67 108.30 3.37 0.30 N 
5 1 "O4'" B DC 7  ? ? "C1'" B DC 7  ? ? N1    B DC 7  ? ? 112.89 108.30 4.59 0.30 N 
6 1 "C5'" B DG 8  ? ? "C4'" B DG 8  ? ? "O4'" B DG 8  ? ? 116.52 109.80 6.72 1.10 N 
7 1 "O4'" B DC 9  ? ? "C1'" B DC 9  ? ? N1    B DC 9  ? ? 111.97 108.30 3.67 0.30 N 
8 1 "O4'" B DC 11 ? ? "C1'" B DC 11 ? ? N1    B DC 11 ? ? 111.67 108.30 3.37 0.30 N 
# 
loop_
_pdbx_validate_planes.id 
_pdbx_validate_planes.PDB_model_num 
_pdbx_validate_planes.auth_comp_id 
_pdbx_validate_planes.auth_asym_id 
_pdbx_validate_planes.auth_seq_id 
_pdbx_validate_planes.PDB_ins_code 
_pdbx_validate_planes.label_alt_id 
_pdbx_validate_planes.rmsd 
_pdbx_validate_planes.type 
1 1 DG A 2 ? ? 0.063 'SIDE CHAIN' 
2 1 DG B 8 ? ? 0.063 'SIDE CHAIN' 
# 
loop_
_pdbx_struct_mod_residue.id 
_pdbx_struct_mod_residue.label_asym_id 
_pdbx_struct_mod_residue.label_comp_id 
_pdbx_struct_mod_residue.label_seq_id 
_pdbx_struct_mod_residue.auth_asym_id 
_pdbx_struct_mod_residue.auth_comp_id 
_pdbx_struct_mod_residue.auth_seq_id 
_pdbx_struct_mod_residue.PDB_ins_code 
_pdbx_struct_mod_residue.parent_comp_id 
_pdbx_struct_mod_residue.details 
1 A 8MG 4 A 8MG 4  ? DG ? 
2 B 8MG 4 B 8MG 10 ? DG ? 
# 
_pdbx_nmr_ensemble.entry_id                             1TNE 
_pdbx_nmr_ensemble.conformers_calculated_total_number   ? 
_pdbx_nmr_ensemble.conformers_submitted_total_number    1 
_pdbx_nmr_ensemble.conformer_selection_criteria         ? 
# 
_pdbx_nmr_software.classification   refinement 
_pdbx_nmr_software.name             SPED-REF 
_pdbx_nmr_software.version          ? 
_pdbx_nmr_software.authors          ROBINSON 
_pdbx_nmr_software.ordinal          1 
# 
loop_
_chem_comp_atom.comp_id 
_chem_comp_atom.atom_id 
_chem_comp_atom.type_symbol 
_chem_comp_atom.pdbx_aromatic_flag 
_chem_comp_atom.pdbx_stereo_config 
_chem_comp_atom.pdbx_ordinal 
8MG P      P N N 1   
8MG OP3    O N N 2   
8MG OP2    O N N 3   
8MG "O5'"  O N N 4   
8MG N9     N Y N 5   
8MG C4     C Y N 6   
8MG N3     N N N 7   
8MG C2     C N N 8   
8MG N2     N N N 9   
8MG N1     N N N 10  
8MG C6     C N N 11  
8MG O6     O N N 12  
8MG C5     C Y N 13  
8MG N7     N Y N 14  
8MG C8     C Y N 15  
8MG "C2'"  C N N 16  
8MG "C5'"  C N N 17  
8MG "C4'"  C N R 18  
8MG "O4'"  O N N 19  
8MG "C1'"  C N R 20  
8MG "C3'"  C N S 21  
8MG "O3'"  O N N 22  
8MG C      C N N 23  
8MG OP1    O N N 24  
8MG H3P    H N N 25  
8MG H2P    H N N 26  
8MG H21    H N N 27  
8MG H22    H N N 28  
8MG H1     H N N 29  
8MG "H2'"  H N N 30  
8MG "H2''" H N N 31  
8MG "H5'"  H N N 32  
8MG "H5''" H N N 33  
8MG "H4'"  H N N 34  
8MG "H1'"  H N N 35  
8MG "H3'"  H N N 36  
8MG "HO3'" H N N 37  
8MG HC1    H N N 38  
8MG HC2    H N N 39  
8MG HC3    H N N 40  
DC  OP3    O N N 41  
DC  P      P N N 42  
DC  OP1    O N N 43  
DC  OP2    O N N 44  
DC  "O5'"  O N N 45  
DC  "C5'"  C N N 46  
DC  "C4'"  C N R 47  
DC  "O4'"  O N N 48  
DC  "C3'"  C N S 49  
DC  "O3'"  O N N 50  
DC  "C2'"  C N N 51  
DC  "C1'"  C N R 52  
DC  N1     N N N 53  
DC  C2     C N N 54  
DC  O2     O N N 55  
DC  N3     N N N 56  
DC  C4     C N N 57  
DC  N4     N N N 58  
DC  C5     C N N 59  
DC  C6     C N N 60  
DC  HOP3   H N N 61  
DC  HOP2   H N N 62  
DC  "H5'"  H N N 63  
DC  "H5''" H N N 64  
DC  "H4'"  H N N 65  
DC  "H3'"  H N N 66  
DC  "HO3'" H N N 67  
DC  "H2'"  H N N 68  
DC  "H2''" H N N 69  
DC  "H1'"  H N N 70  
DC  H41    H N N 71  
DC  H42    H N N 72  
DC  H5     H N N 73  
DC  H6     H N N 74  
DG  OP3    O N N 75  
DG  P      P N N 76  
DG  OP1    O N N 77  
DG  OP2    O N N 78  
DG  "O5'"  O N N 79  
DG  "C5'"  C N N 80  
DG  "C4'"  C N R 81  
DG  "O4'"  O N N 82  
DG  "C3'"  C N S 83  
DG  "O3'"  O N N 84  
DG  "C2'"  C N N 85  
DG  "C1'"  C N R 86  
DG  N9     N Y N 87  
DG  C8     C Y N 88  
DG  N7     N Y N 89  
DG  C5     C Y N 90  
DG  C6     C N N 91  
DG  O6     O N N 92  
DG  N1     N N N 93  
DG  C2     C N N 94  
DG  N2     N N N 95  
DG  N3     N N N 96  
DG  C4     C Y N 97  
DG  HOP3   H N N 98  
DG  HOP2   H N N 99  
DG  "H5'"  H N N 100 
DG  "H5''" H N N 101 
DG  "H4'"  H N N 102 
DG  "H3'"  H N N 103 
DG  "HO3'" H N N 104 
DG  "H2'"  H N N 105 
DG  "H2''" H N N 106 
DG  "H1'"  H N N 107 
DG  H8     H N N 108 
DG  H1     H N N 109 
DG  H21    H N N 110 
DG  H22    H N N 111 
# 
loop_
_chem_comp_bond.comp_id 
_chem_comp_bond.atom_id_1 
_chem_comp_bond.atom_id_2 
_chem_comp_bond.value_order 
_chem_comp_bond.pdbx_aromatic_flag 
_chem_comp_bond.pdbx_stereo_config 
_chem_comp_bond.pdbx_ordinal 
8MG P     OP3    sing N N 1   
8MG P     OP2    sing N N 2   
8MG P     "O5'"  sing N N 3   
8MG P     OP1    doub N N 4   
8MG OP3   H3P    sing N N 5   
8MG OP2   H2P    sing N N 6   
8MG "O5'" "C5'"  sing N N 7   
8MG N9    C4     sing Y N 8   
8MG N9    C8     sing Y N 9   
8MG N9    "C1'"  sing N N 10  
8MG C4    N3     sing N N 11  
8MG C4    C5     doub Y N 12  
8MG N3    C2     doub N N 13  
8MG C2    N2     sing N N 14  
8MG C2    N1     sing N N 15  
8MG N2    H21    sing N N 16  
8MG N2    H22    sing N N 17  
8MG N1    C6     sing N N 18  
8MG N1    H1     sing N N 19  
8MG C6    O6     doub N N 20  
8MG C6    C5     sing N N 21  
8MG C5    N7     sing Y N 22  
8MG N7    C8     doub Y N 23  
8MG C8    C      sing N N 24  
8MG "C2'" "C1'"  sing N N 25  
8MG "C2'" "C3'"  sing N N 26  
8MG "C2'" "H2'"  sing N N 27  
8MG "C2'" "H2''" sing N N 28  
8MG "C5'" "C4'"  sing N N 29  
8MG "C5'" "H5'"  sing N N 30  
8MG "C5'" "H5''" sing N N 31  
8MG "C4'" "O4'"  sing N N 32  
8MG "C4'" "C3'"  sing N N 33  
8MG "C4'" "H4'"  sing N N 34  
8MG "O4'" "C1'"  sing N N 35  
8MG "C1'" "H1'"  sing N N 36  
8MG "C3'" "O3'"  sing N N 37  
8MG "C3'" "H3'"  sing N N 38  
8MG "O3'" "HO3'" sing N N 39  
8MG C     HC1    sing N N 40  
8MG C     HC2    sing N N 41  
8MG C     HC3    sing N N 42  
DC  OP3   P      sing N N 43  
DC  OP3   HOP3   sing N N 44  
DC  P     OP1    doub N N 45  
DC  P     OP2    sing N N 46  
DC  P     "O5'"  sing N N 47  
DC  OP2   HOP2   sing N N 48  
DC  "O5'" "C5'"  sing N N 49  
DC  "C5'" "C4'"  sing N N 50  
DC  "C5'" "H5'"  sing N N 51  
DC  "C5'" "H5''" sing N N 52  
DC  "C4'" "O4'"  sing N N 53  
DC  "C4'" "C3'"  sing N N 54  
DC  "C4'" "H4'"  sing N N 55  
DC  "O4'" "C1'"  sing N N 56  
DC  "C3'" "O3'"  sing N N 57  
DC  "C3'" "C2'"  sing N N 58  
DC  "C3'" "H3'"  sing N N 59  
DC  "O3'" "HO3'" sing N N 60  
DC  "C2'" "C1'"  sing N N 61  
DC  "C2'" "H2'"  sing N N 62  
DC  "C2'" "H2''" sing N N 63  
DC  "C1'" N1     sing N N 64  
DC  "C1'" "H1'"  sing N N 65  
DC  N1    C2     sing N N 66  
DC  N1    C6     sing N N 67  
DC  C2    O2     doub N N 68  
DC  C2    N3     sing N N 69  
DC  N3    C4     doub N N 70  
DC  C4    N4     sing N N 71  
DC  C4    C5     sing N N 72  
DC  N4    H41    sing N N 73  
DC  N4    H42    sing N N 74  
DC  C5    C6     doub N N 75  
DC  C5    H5     sing N N 76  
DC  C6    H6     sing N N 77  
DG  OP3   P      sing N N 78  
DG  OP3   HOP3   sing N N 79  
DG  P     OP1    doub N N 80  
DG  P     OP2    sing N N 81  
DG  P     "O5'"  sing N N 82  
DG  OP2   HOP2   sing N N 83  
DG  "O5'" "C5'"  sing N N 84  
DG  "C5'" "C4'"  sing N N 85  
DG  "C5'" "H5'"  sing N N 86  
DG  "C5'" "H5''" sing N N 87  
DG  "C4'" "O4'"  sing N N 88  
DG  "C4'" "C3'"  sing N N 89  
DG  "C4'" "H4'"  sing N N 90  
DG  "O4'" "C1'"  sing N N 91  
DG  "C3'" "O3'"  sing N N 92  
DG  "C3'" "C2'"  sing N N 93  
DG  "C3'" "H3'"  sing N N 94  
DG  "O3'" "HO3'" sing N N 95  
DG  "C2'" "C1'"  sing N N 96  
DG  "C2'" "H2'"  sing N N 97  
DG  "C2'" "H2''" sing N N 98  
DG  "C1'" N9     sing N N 99  
DG  "C1'" "H1'"  sing N N 100 
DG  N9    C8     sing Y N 101 
DG  N9    C4     sing Y N 102 
DG  C8    N7     doub Y N 103 
DG  C8    H8     sing N N 104 
DG  N7    C5     sing Y N 105 
DG  C5    C6     sing N N 106 
DG  C5    C4     doub Y N 107 
DG  C6    O6     doub N N 108 
DG  C6    N1     sing N N 109 
DG  N1    C2     sing N N 110 
DG  N1    H1     sing N N 111 
DG  C2    N2     sing N N 112 
DG  C2    N3     doub N N 113 
DG  N2    H21    sing N N 114 
DG  N2    H22    sing N N 115 
DG  N3    C4     sing N N 116 
# 
_ndb_struct_conf_na.entry_id   1TNE 
_ndb_struct_conf_na.feature    'z-form double helix' 
# 
loop_
_ndb_struct_na_base_pair.model_number 
_ndb_struct_na_base_pair.i_label_asym_id 
_ndb_struct_na_base_pair.i_label_comp_id 
_ndb_struct_na_base_pair.i_label_seq_id 
_ndb_struct_na_base_pair.i_symmetry 
_ndb_struct_na_base_pair.j_label_asym_id 
_ndb_struct_na_base_pair.j_label_comp_id 
_ndb_struct_na_base_pair.j_label_seq_id 
_ndb_struct_na_base_pair.j_symmetry 
_ndb_struct_na_base_pair.shear 
_ndb_struct_na_base_pair.stretch 
_ndb_struct_na_base_pair.stagger 
_ndb_struct_na_base_pair.buckle 
_ndb_struct_na_base_pair.propeller 
_ndb_struct_na_base_pair.opening 
_ndb_struct_na_base_pair.pair_number 
_ndb_struct_na_base_pair.pair_name 
_ndb_struct_na_base_pair.i_auth_asym_id 
_ndb_struct_na_base_pair.i_auth_seq_id 
_ndb_struct_na_base_pair.i_PDB_ins_code 
_ndb_struct_na_base_pair.j_auth_asym_id 
_ndb_struct_na_base_pair.j_auth_seq_id 
_ndb_struct_na_base_pair.j_PDB_ins_code 
_ndb_struct_na_base_pair.hbond_type_28 
_ndb_struct_na_base_pair.hbond_type_12 
1 A DC  1 1_555 B DG  6 1_555 0.011  -0.095 -0.012 3.272  2.877  0.962 1 A_DC1:DG12_B  A 1 ? B 12 ? 19 1 
1 A DG  2 1_555 B DC  5 1_555 0.054  -0.152 -0.082 -6.311 5.565  0.367 2 A_DG2:DC11_B  A 2 ? B 11 ? 19 1 
1 A DC  3 1_555 B 8MG 4 1_555 -0.560 -0.237 -0.065 6.683  10.420 4.104 3 A_DC3:8MG10_B A 3 ? B 10 ? 19 1 
1 A 8MG 4 1_555 B DC  3 1_555 0.561  -0.238 -0.064 -6.665 10.428 4.110 4 A_8MG4:DC9_B  A 4 ? B 9  ? 19 1 
1 A DC  5 1_555 B DG  2 1_555 -0.054 -0.152 -0.081 6.330  5.583  0.359 5 A_DC5:DG8_B   A 5 ? B 8  ? 19 1 
1 A DG  6 1_555 B DC  1 1_555 -0.010 -0.095 -0.011 -3.253 2.903  0.959 6 A_DG6:DC7_B   A 6 ? B 7  ? 19 1 
# 
loop_
_ndb_struct_na_base_pair_step.model_number 
_ndb_struct_na_base_pair_step.i_label_asym_id_1 
_ndb_struct_na_base_pair_step.i_label_comp_id_1 
_ndb_struct_na_base_pair_step.i_label_seq_id_1 
_ndb_struct_na_base_pair_step.i_symmetry_1 
_ndb_struct_na_base_pair_step.j_label_asym_id_1 
_ndb_struct_na_base_pair_step.j_label_comp_id_1 
_ndb_struct_na_base_pair_step.j_label_seq_id_1 
_ndb_struct_na_base_pair_step.j_symmetry_1 
_ndb_struct_na_base_pair_step.i_label_asym_id_2 
_ndb_struct_na_base_pair_step.i_label_comp_id_2 
_ndb_struct_na_base_pair_step.i_label_seq_id_2 
_ndb_struct_na_base_pair_step.i_symmetry_2 
_ndb_struct_na_base_pair_step.j_label_asym_id_2 
_ndb_struct_na_base_pair_step.j_label_comp_id_2 
_ndb_struct_na_base_pair_step.j_label_seq_id_2 
_ndb_struct_na_base_pair_step.j_symmetry_2 
_ndb_struct_na_base_pair_step.shift 
_ndb_struct_na_base_pair_step.slide 
_ndb_struct_na_base_pair_step.rise 
_ndb_struct_na_base_pair_step.tilt 
_ndb_struct_na_base_pair_step.roll 
_ndb_struct_na_base_pair_step.twist 
_ndb_struct_na_base_pair_step.x_displacement 
_ndb_struct_na_base_pair_step.y_displacement 
_ndb_struct_na_base_pair_step.helical_rise 
_ndb_struct_na_base_pair_step.inclination 
_ndb_struct_na_base_pair_step.tip 
_ndb_struct_na_base_pair_step.helical_twist 
_ndb_struct_na_base_pair_step.step_number 
_ndb_struct_na_base_pair_step.step_name 
_ndb_struct_na_base_pair_step.i_auth_asym_id_1 
_ndb_struct_na_base_pair_step.i_auth_seq_id_1 
_ndb_struct_na_base_pair_step.i_PDB_ins_code_1 
_ndb_struct_na_base_pair_step.j_auth_asym_id_1 
_ndb_struct_na_base_pair_step.j_auth_seq_id_1 
_ndb_struct_na_base_pair_step.j_PDB_ins_code_1 
_ndb_struct_na_base_pair_step.i_auth_asym_id_2 
_ndb_struct_na_base_pair_step.i_auth_seq_id_2 
_ndb_struct_na_base_pair_step.i_PDB_ins_code_2 
_ndb_struct_na_base_pair_step.j_auth_asym_id_2 
_ndb_struct_na_base_pair_step.j_auth_seq_id_2 
_ndb_struct_na_base_pair_step.j_PDB_ins_code_2 
1 A DC  1 1_555 B DG  6 1_555 A DG  2 1_555 B DC  5 1_555 -0.015 5.047  3.406 1.126  -5.529 -6.608  -11.370 4.371  5.802 39.717 
8.086  -8.687  1 AA_DC1DG2:DC11DG12_BB  A 1 ? B 12 ? A 2 ? B 11 ? 
1 A DG  2 1_555 B DC  5 1_555 A DC  3 1_555 B 8MG 4 1_555 -0.074 -0.898 2.756 1.527  -9.494 -49.098 1.627   0.003  2.553 11.300 
1.818  -49.974 2 AA_DG2DC3:8MG10DC11_BB A 2 ? B 11 ? A 3 ? B 10 ? 
1 A DC  3 1_555 B 8MG 4 1_555 A 8MG 4 1_555 B DC  3 1_555 0.000  5.570  3.806 -0.008 -2.712 -5.727  -30.828 -0.060 5.823 25.353 
-0.079 -6.336  3 AA_DC38MG4:DC98MG10_BB A 3 ? B 10 ? A 4 ? B 9  ? 
1 A 8MG 4 1_555 B DC  3 1_555 A DC  5 1_555 B DG  2 1_555 0.074  -0.898 2.756 -1.518 -9.493 -49.106 1.627   -0.003 2.553 11.297 
-1.806 -49.981 4 AA_8MG4DC5:DG8DC9_BB   A 4 ? B 9  ? A 5 ? B 8  ? 
1 A DC  5 1_555 B DG  2 1_555 A DG  6 1_555 B DC  1 1_555 0.015  5.047  3.406 -1.121 -5.540 -6.612  -11.334 -4.344 5.804 39.755 
-8.046 -8.697  5 AA_DC5DG6:DC7DG8_BB    A 5 ? B 8  ? A 6 ? B 7  ? 
# 
_atom_sites.entry_id                    1TNE 
_atom_sites.fract_transf_matrix[1][1]   1.000000 
_atom_sites.fract_transf_matrix[1][2]   0.000000 
_atom_sites.fract_transf_matrix[1][3]   0.000000 
_atom_sites.fract_transf_matrix[2][1]   0.000000 
_atom_sites.fract_transf_matrix[2][2]   1.000000 
_atom_sites.fract_transf_matrix[2][3]   0.000000 
_atom_sites.fract_transf_matrix[3][1]   0.000000 
_atom_sites.fract_transf_matrix[3][2]   0.000000 
_atom_sites.fract_transf_matrix[3][3]   1.000000 
_atom_sites.fract_transf_vector[1]      0.00000 
_atom_sites.fract_transf_vector[2]      0.00000 
_atom_sites.fract_transf_vector[3]      0.00000 
# 
loop_
_atom_type.symbol 
C 
H 
N 
O 
P 
# 
loop_
_atom_site.group_PDB 
_atom_site.id 
_atom_site.type_symbol 
_atom_site.label_atom_id 
_atom_site.label_alt_id 
_atom_site.label_comp_id 
_atom_site.label_asym_id 
_atom_site.label_entity_id 
_atom_site.label_seq_id 
_atom_site.pdbx_PDB_ins_code 
_atom_site.Cartn_x 
_atom_site.Cartn_y 
_atom_site.Cartn_z 
_atom_site.occupancy 
_atom_site.B_iso_or_equiv 
_atom_site.pdbx_formal_charge 
_atom_site.auth_seq_id 
_atom_site.auth_comp_id 
_atom_site.auth_asym_id 
_atom_site.auth_atom_id 
_atom_site.pdbx_PDB_model_num 
ATOM   1   O "O5'"  . DC  A 1 1 ? -7.528 3.778  -7.459  1.00 0.00 ? 1  DC  A "O5'"  1 
ATOM   2   C "C5'"  . DC  A 1 1 ? -6.741 4.696  -6.688  1.00 0.00 ? 1  DC  A "C5'"  1 
ATOM   3   C "C4'"  . DC  A 1 1 ? -5.212 4.504  -6.880  1.00 0.00 ? 1  DC  A "C4'"  1 
ATOM   4   O "O4'"  . DC  A 1 1 ? -4.847 3.200  -6.400  1.00 0.00 ? 1  DC  A "O4'"  1 
ATOM   5   C "C3'"  . DC  A 1 1 ? -4.728 4.582  -8.344  1.00 0.00 ? 1  DC  A "C3'"  1 
ATOM   6   O "O3'"  . DC  A 1 1 ? -3.360 4.989  -8.535  1.00 0.00 ? 1  DC  A "O3'"  1 
ATOM   7   C "C2'"  . DC  A 1 1 ? -4.872 3.132  -8.712  1.00 0.00 ? 1  DC  A "C2'"  1 
ATOM   8   C "C1'"  . DC  A 1 1 ? -4.311 2.440  -7.490  1.00 0.00 ? 1  DC  A "C1'"  1 
ATOM   9   N N1     . DC  A 1 1 ? -4.701 1.011  -7.443  1.00 0.00 ? 1  DC  A N1     1 
ATOM   10  C C2     . DC  A 1 1 ? -3.854 0.068  -8.015  1.00 0.00 ? 1  DC  A C2     1 
ATOM   11  O O2     . DC  A 1 1 ? -2.782 0.409  -8.509  1.00 0.00 ? 1  DC  A O2     1 
ATOM   12  N N3     . DC  A 1 1 ? -4.234 -1.239 -8.015  1.00 0.00 ? 1  DC  A N3     1 
ATOM   13  C C4     . DC  A 1 1 ? -5.389 -1.626 -7.461  1.00 0.00 ? 1  DC  A C4     1 
ATOM   14  N N4     . DC  A 1 1 ? -5.724 -2.917 -7.483  1.00 0.00 ? 1  DC  A N4     1 
ATOM   15  C C5     . DC  A 1 1 ? -6.264 -0.679 -6.840  1.00 0.00 ? 1  DC  A C5     1 
ATOM   16  C C6     . DC  A 1 1 ? -5.873 0.648  -6.857  1.00 0.00 ? 1  DC  A C6     1 
ATOM   17  H "H5'"  . DC  A 1 1 ? -6.987 4.486  -5.649  1.00 0.00 ? 1  DC  A "H5'"  1 
ATOM   18  H "H5''" . DC  A 1 1 ? -7.055 5.714  -6.921  1.00 0.00 ? 1  DC  A "H5''" 1 
ATOM   19  H "H4'"  . DC  A 1 1 ? -4.657 5.241  -6.295  1.00 0.00 ? 1  DC  A "H4'"  1 
ATOM   20  H "H3'"  . DC  A 1 1 ? -5.345 5.280  -8.901  1.00 0.00 ? 1  DC  A "H3'"  1 
ATOM   21  H "H2'"  . DC  A 1 1 ? -5.935 2.907  -8.810  1.00 0.00 ? 1  DC  A "H2'"  1 
ATOM   22  H "H2''" . DC  A 1 1 ? -4.323 2.826  -9.600  1.00 0.00 ? 1  DC  A "H2''" 1 
ATOM   23  H "H1'"  . DC  A 1 1 ? -3.231 2.559  -7.488  1.00 0.00 ? 1  DC  A "H1'"  1 
ATOM   24  H H41    . DC  A 1 1 ? -5.119 -3.602 -7.918  1.00 0.00 ? 1  DC  A H41    1 
ATOM   25  H H42    . DC  A 1 1 ? -6.576 -3.220 -7.037  1.00 0.00 ? 1  DC  A H42    1 
ATOM   26  H H5     . DC  A 1 1 ? -7.175 -0.995 -6.382  1.00 0.00 ? 1  DC  A H5     1 
ATOM   27  H H6     . DC  A 1 1 ? -6.471 1.424  -6.409  1.00 0.00 ? 1  DC  A H6     1 
ATOM   28  H "HO5'" . DC  A 1 1 ? -8.454 3.923  -7.232  1.00 0.00 ? 1  DC  A "HO5'" 1 
ATOM   29  P P      . DG  A 1 2 ? -2.999 6.535  -8.830  1.00 0.00 ? 2  DG  A P      1 
ATOM   30  O OP1    . DG  A 1 2 ? -3.933 7.049  -9.858  1.00 0.00 ? 2  DG  A OP1    1 
ATOM   31  O OP2    . DG  A 1 2 ? -1.536 6.686  -9.011  1.00 0.00 ? 2  DG  A OP2    1 
ATOM   32  O "O5'"  . DG  A 1 2 ? -3.408 7.172  -7.410  1.00 0.00 ? 2  DG  A "O5'"  1 
ATOM   33  C "C5'"  . DG  A 1 2 ? -2.610 6.864  -6.265  1.00 0.00 ? 2  DG  A "C5'"  1 
ATOM   34  C "C4'"  . DG  A 1 2 ? -3.350 7.122  -4.954  1.00 0.00 ? 2  DG  A "C4'"  1 
ATOM   35  O "O4'"  . DG  A 1 2 ? -4.560 6.365  -4.737  1.00 0.00 ? 2  DG  A "O4'"  1 
ATOM   36  C "C3'"  . DG  A 1 2 ? -2.468 6.807  -3.743  1.00 0.00 ? 2  DG  A "C3'"  1 
ATOM   37  O "O3'"  . DG  A 1 2 ? -1.490 7.826  -3.460  1.00 0.00 ? 2  DG  A "O3'"  1 
ATOM   38  C "C2'"  . DG  A 1 2 ? -3.495 6.703  -2.630  1.00 0.00 ? 2  DG  A "C2'"  1 
ATOM   39  C "C1'"  . DG  A 1 2 ? -4.779 6.175  -3.313  1.00 0.00 ? 2  DG  A "C1'"  1 
ATOM   40  N N9     . DG  A 1 2 ? -5.289 4.797  -3.061  1.00 0.00 ? 2  DG  A N9     1 
ATOM   41  C C8     . DG  A 1 2 ? -6.499 4.434  -2.523  1.00 0.00 ? 2  DG  A C8     1 
ATOM   42  N N7     . DG  A 1 2 ? -6.753 3.156  -2.574  1.00 0.00 ? 2  DG  A N7     1 
ATOM   43  C C5     . DG  A 1 2 ? -5.608 2.616  -3.148  1.00 0.00 ? 2  DG  A C5     1 
ATOM   44  C C6     . DG  A 1 2 ? -5.296 1.261  -3.466  1.00 0.00 ? 2  DG  A C6     1 
ATOM   45  O O6     . DG  A 1 2 ? -5.989 0.260  -3.302  1.00 0.00 ? 2  DG  A O6     1 
ATOM   46  N N1     . DG  A 1 2 ? -4.034 1.148  -4.031  1.00 0.00 ? 2  DG  A N1     1 
ATOM   47  C C2     . DG  A 1 2 ? -3.171 2.199  -4.237  1.00 0.00 ? 2  DG  A C2     1 
ATOM   48  N N2     . DG  A 1 2 ? -2.007 1.945  -4.829  1.00 0.00 ? 2  DG  A N2     1 
ATOM   49  N N3     . DG  A 1 2 ? -3.445 3.462  -3.900  1.00 0.00 ? 2  DG  A N3     1 
ATOM   50  C C4     . DG  A 1 2 ? -4.683 3.603  -3.387  1.00 0.00 ? 2  DG  A C4     1 
ATOM   51  H "H5'"  . DG  A 1 2 ? -1.743 7.520  -6.315  1.00 0.00 ? 2  DG  A "H5'"  1 
ATOM   52  H "H5''" . DG  A 1 2 ? -2.256 5.839  -6.325  1.00 0.00 ? 2  DG  A "H5''" 1 
ATOM   53  H "H4'"  . DG  A 1 2 ? -3.623 8.157  -5.068  1.00 0.00 ? 2  DG  A "H4'"  1 
ATOM   54  H "H3'"  . DG  A 1 2 ? -2.036 5.821  -3.896  1.00 0.00 ? 2  DG  A "H3'"  1 
ATOM   55  H "H2'"  . DG  A 1 2 ? -3.126 6.102  -1.796  1.00 0.00 ? 2  DG  A "H2'"  1 
ATOM   56  H "H2''" . DG  A 1 2 ? -3.646 7.728  -2.269  1.00 0.00 ? 2  DG  A "H2''" 1 
ATOM   57  H "H1'"  . DG  A 1 2 ? -5.595 6.821  -2.974  1.00 0.00 ? 2  DG  A "H1'"  1 
ATOM   58  H H8     . DG  A 1 2 ? -7.205 5.143  -2.084  1.00 0.00 ? 2  DG  A H8     1 
ATOM   59  H H1     . DG  A 1 2 ? -3.732 0.227  -4.316  1.00 0.00 ? 2  DG  A H1     1 
ATOM   60  H H21    . DG  A 1 2 ? -1.733 0.990  -5.025  1.00 0.00 ? 2  DG  A H21    1 
ATOM   61  H H22    . DG  A 1 2 ? -1.393 2.707  -5.072  1.00 0.00 ? 2  DG  A H22    1 
ATOM   62  P P      . DC  A 1 3 ? 0.062  7.444  -3.192  1.00 0.00 ? 3  DC  A P      1 
ATOM   63  O OP1    . DC  A 1 3 ? 0.839  8.688  -2.991  1.00 0.00 ? 3  DC  A OP1    1 
ATOM   64  O OP2    . DC  A 1 3 ? 0.469  6.476  -4.236  1.00 0.00 ? 3  DC  A OP2    1 
ATOM   65  O "O5'"  . DC  A 1 3 ? 0.000  6.667  -1.774  1.00 0.00 ? 3  DC  A "O5'"  1 
ATOM   66  C "C5'"  . DC  A 1 3 ? 1.181  6.436  -0.985  1.00 0.00 ? 3  DC  A "C5'"  1 
ATOM   67  C "C4'"  . DC  A 1 3 ? 1.610  4.966  -0.960  1.00 0.00 ? 3  DC  A "C4'"  1 
ATOM   68  O "O4'"  . DC  A 1 3 ? 0.593  4.168  -0.331  1.00 0.00 ? 3  DC  A "O4'"  1 
ATOM   69  C "C3'"  . DC  A 1 3 ? 1.880  4.332  -2.340  1.00 0.00 ? 3  DC  A "C3'"  1 
ATOM   70  O "O3'"  . DC  A 1 3 ? 2.995  3.430  -2.345  1.00 0.00 ? 3  DC  A "O3'"  1 
ATOM   71  C "C2'"  . DC  A 1 3 ? 0.626  3.525  -2.550  1.00 0.00 ? 3  DC  A "C2'"  1 
ATOM   72  C "C1'"  . DC  A 1 3 ? 0.319  3.031  -1.163  1.00 0.00 ? 3  DC  A "C1'"  1 
ATOM   73  N N1     . DC  A 1 3 ? -1.084 2.570  -1.027  1.00 0.00 ? 3  DC  A N1     1 
ATOM   74  C C2     . DC  A 1 3 ? -1.417 1.271  -1.401  1.00 0.00 ? 3  DC  A C2     1 
ATOM   75  O O2     . DC  A 1 3 ? -0.595 0.513  -1.918  1.00 0.00 ? 3  DC  A O2     1 
ATOM   76  N N3     . DC  A 1 3 ? -2.694 0.850  -1.186  1.00 0.00 ? 3  DC  A N3     1 
ATOM   77  C C4     . DC  A 1 3 ? -3.620 1.643  -0.626  1.00 0.00 ? 3  DC  A C4     1 
ATOM   78  N N4     . DC  A 1 3 ? -4.856 1.167  -0.447  1.00 0.00 ? 3  DC  A N4     1 
ATOM   79  C C5     . DC  A 1 3 ? -3.299 2.978  -0.226  1.00 0.00 ? 3  DC  A C5     1 
ATOM   80  C C6     . DC  A 1 3 ? -2.020 3.422  -0.518  1.00 0.00 ? 3  DC  A C6     1 
ATOM   81  H "H5'"  . DC  A 1 3 ? 0.959  6.738  0.040   1.00 0.00 ? 3  DC  A "H5'"  1 
ATOM   82  H "H5''" . DC  A 1 3 ? 2.012  7.039  -1.352  1.00 0.00 ? 3  DC  A "H5''" 1 
ATOM   83  H "H4'"  . DC  A 1 3 ? 2.522  4.906  -0.365  1.00 0.00 ? 3  DC  A "H4'"  1 
ATOM   84  H "H3'"  . DC  A 1 3 ? 2.022  5.119  -3.080  1.00 0.00 ? 3  DC  A "H3'"  1 
ATOM   85  H "H2'"  . DC  A 1 3 ? -0.159 4.194  -2.873  1.00 0.00 ? 3  DC  A "H2'"  1 
ATOM   86  H "H2''" . DC  A 1 3 ? 0.717  2.684  -3.239  1.00 0.00 ? 3  DC  A "H2''" 1 
ATOM   87  H "H1'"  . DC  A 1 3 ? 1.028  2.253  -0.906  1.00 0.00 ? 3  DC  A "H1'"  1 
ATOM   88  H H41    . DC  A 1 3 ? -5.053 0.221  -0.752  1.00 0.00 ? 3  DC  A H41    1 
ATOM   89  H H42    . DC  A 1 3 ? -5.587 1.735  -0.040  1.00 0.00 ? 3  DC  A H42    1 
ATOM   90  H H5     . DC  A 1 3 ? -4.023 3.580  0.292   1.00 0.00 ? 3  DC  A H5     1 
ATOM   91  H H6     . DC  A 1 3 ? -1.713 4.443  -0.376  1.00 0.00 ? 3  DC  A H6     1 
HETATM 92  P P      . 8MG A 1 4 ? 4.450  3.866  -2.870  1.00 0.00 ? 4  8MG A P      1 
HETATM 93  O OP2    . 8MG A 1 4 ? 5.336  2.679  -2.829  1.00 0.00 ? 4  8MG A OP2    1 
HETATM 94  O "O5'"  . 8MG A 1 4 ? 4.915  4.880  -1.723  1.00 0.00 ? 4  8MG A "O5'"  1 
HETATM 95  N N9     . 8MG A 1 4 ? 2.739  6.360  2.521   1.00 0.00 ? 4  8MG A N9     1 
HETATM 96  C C4     . 8MG A 1 4 ? 2.142  5.122  2.482   1.00 0.00 ? 4  8MG A C4     1 
HETATM 97  N N3     . 8MG A 1 4 ? 2.728  3.969  2.076   1.00 0.00 ? 4  8MG A N3     1 
HETATM 98  C C2     . 8MG A 1 4 ? 1.870  2.945  2.083   1.00 0.00 ? 4  8MG A C2     1 
HETATM 99  N N2     . 8MG A 1 4 ? 2.267  1.737  1.690   1.00 0.00 ? 4  8MG A N2     1 
HETATM 100 N N1     . 8MG A 1 4 ? 0.552  3.055  2.474   1.00 0.00 ? 4  8MG A N1     1 
HETATM 101 C C6     . 8MG A 1 4 ? -0.057 4.219  2.906   1.00 0.00 ? 4  8MG A C6     1 
HETATM 102 O O6     . 8MG A 1 4 ? -1.239 4.216  3.246   1.00 0.00 ? 4  8MG A O6     1 
HETATM 103 C C5     . 8MG A 1 4 ? 0.843  5.313  2.888   1.00 0.00 ? 4  8MG A C5     1 
HETATM 104 N N7     . 8MG A 1 4 ? 0.632  6.637  3.258   1.00 0.00 ? 4  8MG A N7     1 
HETATM 105 C C8     . 8MG A 1 4 ? 1.781  7.197  3.036   1.00 0.00 ? 4  8MG A C8     1 
HETATM 106 C "C2'"  . 8MG A 1 4 ? 5.281  6.082  2.822   1.00 0.00 ? 4  8MG A "C2'"  1 
HETATM 107 C "C5'"  . 8MG A 1 4 ? 5.281  4.371  -0.441  1.00 0.00 ? 4  8MG A "C5'"  1 
HETATM 108 C "C4'"  . 8MG A 1 4 ? 5.457  5.507  0.548   1.00 0.00 ? 4  8MG A "C4'"  1 
HETATM 109 O "O4'"  . 8MG A 1 4 ? 4.254  6.274  0.692   1.00 0.00 ? 4  8MG A "O4'"  1 
HETATM 110 C "C1'"  . 8MG A 1 4 ? 4.100  6.690  2.056   1.00 0.00 ? 4  8MG A "C1'"  1 
HETATM 111 C "C3'"  . 8MG A 1 4 ? 5.831  4.984  1.929   1.00 0.00 ? 4  8MG A "C3'"  1 
HETATM 112 O "O3'"  . 8MG A 1 4 ? 7.260  4.881  2.064   1.00 0.00 ? 4  8MG A "O3'"  1 
HETATM 113 C C      . 8MG A 1 4 ? 2.014  8.679  3.338   1.00 0.00 ? 4  8MG A C      1 
HETATM 114 O OP1    . 8MG A 1 4 ? 4.285  4.622  -4.132  1.00 0.00 ? 4  8MG A OP1    1 
HETATM 115 H H21    . 8MG A 1 4 ? 3.199  1.609  1.318   1.00 0.00 ? 4  8MG A H21    1 
HETATM 116 H H22    . 8MG A 1 4 ? 1.628  0.957  1.783   1.00 0.00 ? 4  8MG A H22    1 
HETATM 117 H H1     . 8MG A 1 4 ? -0.034 2.235  2.446   1.00 0.00 ? 4  8MG A H1     1 
HETATM 118 H "H2'"  . 8MG A 1 4 ? 5.020  5.704  3.813   1.00 0.00 ? 4  8MG A "H2'"  1 
HETATM 119 H "H2''" . 8MG A 1 4 ? 6.082  6.820  2.930   1.00 0.00 ? 4  8MG A "H2''" 1 
HETATM 120 H "H5'"  . 8MG A 1 4 ? 6.213  3.818  -0.553  1.00 0.00 ? 4  8MG A "H5'"  1 
HETATM 121 H "H5''" . 8MG A 1 4 ? 4.530  3.679  -0.064  1.00 0.00 ? 4  8MG A "H5''" 1 
HETATM 122 H "H4'"  . 8MG A 1 4 ? 6.225  6.147  0.137   1.00 0.00 ? 4  8MG A "H4'"  1 
HETATM 123 H "H1'"  . 8MG A 1 4 ? 4.191  7.775  2.084   1.00 0.00 ? 4  8MG A "H1'"  1 
HETATM 124 H "H3'"  . 8MG A 1 4 ? 5.286  4.059  2.109   1.00 0.00 ? 4  8MG A "H3'"  1 
HETATM 125 H HC1    . 8MG A 1 4 ? 2.297  9.208  2.428   1.00 0.00 ? 4  8MG A HC1    1 
HETATM 126 H HC2    . 8MG A 1 4 ? 2.800  8.791  4.084   1.00 0.00 ? 4  8MG A HC2    1 
HETATM 127 H HC3    . 8MG A 1 4 ? 1.090  9.117  3.722   1.00 0.00 ? 4  8MG A HC3    1 
ATOM   128 P P      . DC  A 1 5 ? 7.989  4.340  3.401   1.00 0.00 ? 5  DC  A P      1 
ATOM   129 O OP1    . DC  A 1 5 ? 7.236  4.846  4.571   1.00 0.00 ? 5  DC  A OP1    1 
ATOM   130 O OP2    . DC  A 1 5 ? 9.438  4.612  3.287   1.00 0.00 ? 5  DC  A OP2    1 
ATOM   131 O "O5'"  . DC  A 1 5 ? 7.751  2.761  3.303   1.00 0.00 ? 5  DC  A "O5'"  1 
ATOM   132 C "C5'"  . DC  A 1 5 ? 8.277  1.870  4.285   1.00 0.00 ? 5  DC  A "C5'"  1 
ATOM   133 C "C4'"  . DC  A 1 5 ? 7.250  0.849  4.721   1.00 0.00 ? 5  DC  A "C4'"  1 
ATOM   134 O "O4'"  . DC  A 1 5 ? 6.196  1.476  5.456   1.00 0.00 ? 5  DC  A "O4'"  1 
ATOM   135 C "C3'"  . DC  A 1 5 ? 6.595  0.052  3.581   1.00 0.00 ? 5  DC  A "C3'"  1 
ATOM   136 O "O3'"  . DC  A 1 5 ? 6.620  -1.365 3.795   1.00 0.00 ? 5  DC  A "O3'"  1 
ATOM   137 C "C2'"  . DC  A 1 5 ? 5.189  0.568  3.618   1.00 0.00 ? 5  DC  A "C2'"  1 
ATOM   138 C "C1'"  . DC  A 1 5 ? 4.964  0.862  5.070   1.00 0.00 ? 5  DC  A "C1'"  1 
ATOM   139 N N1     . DC  A 1 5 ? 3.825  1.787  5.217   1.00 0.00 ? 5  DC  A N1     1 
ATOM   140 C C2     . DC  A 1 5 ? 2.533  1.276  5.194   1.00 0.00 ? 5  DC  A C2     1 
ATOM   141 O O2     . DC  A 1 5 ? 2.337  0.074  5.022   1.00 0.00 ? 5  DC  A O2     1 
ATOM   142 N N3     . DC  A 1 5 ? 1.493  2.136  5.360   1.00 0.00 ? 5  DC  A N3     1 
ATOM   143 C C4     . DC  A 1 5 ? 1.697  3.445  5.539   1.00 0.00 ? 5  DC  A C4     1 
ATOM   144 N N4     . DC  A 1 5 ? 0.650  4.246  5.736   1.00 0.00 ? 5  DC  A N4     1 
ATOM   145 C C5     . DC  A 1 5 ? 3.014  3.996  5.533   1.00 0.00 ? 5  DC  A C5     1 
ATOM   146 C C6     . DC  A 1 5 ? 4.064  3.116  5.368   1.00 0.00 ? 5  DC  A C6     1 
ATOM   147 H "H5'"  . DC  A 1 5 ? 8.533  2.427  5.187   1.00 0.00 ? 5  DC  A "H5'"  1 
ATOM   148 H "H5''" . DC  A 1 5 ? 9.160  1.352  3.912   1.00 0.00 ? 5  DC  A "H5''" 1 
ATOM   149 H "H4'"  . DC  A 1 5 ? 7.784  0.155  5.362   1.00 0.00 ? 5  DC  A "H4'"  1 
ATOM   150 H "H3'"  . DC  A 1 5 ? 7.089  0.316  2.645   1.00 0.00 ? 5  DC  A "H3'"  1 
ATOM   151 H "H2'"  . DC  A 1 5 ? 5.165  1.511  3.086   1.00 0.00 ? 5  DC  A "H2'"  1 
ATOM   152 H "H2''" . DC  A 1 5 ? 4.429  -0.112 3.234   1.00 0.00 ? 5  DC  A "H2''" 1 
ATOM   153 H "H1'"  . DC  A 1 5 ? 4.822  -0.067 5.612   1.00 0.00 ? 5  DC  A "H1'"  1 
ATOM   154 H H41    . DC  A 1 5 ? -0.292 3.875  5.726   1.00 0.00 ? 5  DC  A H41    1 
ATOM   155 H H42    . DC  A 1 5 ? 0.796  5.235  5.877   1.00 0.00 ? 5  DC  A H42    1 
ATOM   156 H H5     . DC  A 1 5 ? 3.168  5.041  5.652   1.00 0.00 ? 5  DC  A H5     1 
ATOM   157 H H6     . DC  A 1 5 ? 5.095  3.437  5.350   1.00 0.00 ? 5  DC  A H6     1 
ATOM   158 P P      . DG  A 1 6 ? 7.933  -2.148 3.319   1.00 0.00 ? 6  DG  A P      1 
ATOM   159 O OP1    . DG  A 1 6 ? 8.276  -1.653 1.966   1.00 0.00 ? 6  DG  A OP1    1 
ATOM   160 O OP2    . DG  A 1 6 ? 7.770  -3.599 3.573   1.00 0.00 ? 6  DG  A OP2    1 
ATOM   161 O "O5'"  . DG  A 1 6 ? 9.010  -1.537 4.328   1.00 0.00 ? 6  DG  A "O5'"  1 
ATOM   162 C "C5'"  . DG  A 1 6 ? 9.154  -1.900 5.695   1.00 0.00 ? 6  DG  A "C5'"  1 
ATOM   163 C "C4'"  . DG  A 1 6 ? 10.160 -0.950 6.311   1.00 0.00 ? 6  DG  A "C4'"  1 
ATOM   164 O "O4'"  . DG  A 1 6 ? 9.733  0.425  6.301   1.00 0.00 ? 6  DG  A "O4'"  1 
ATOM   165 C "C3'"  . DG  A 1 6 ? 10.579 -1.305 7.733   1.00 0.00 ? 6  DG  A "C3'"  1 
ATOM   166 O "O3'"  . DG  A 1 6 ? 11.999 -1.183 7.779   1.00 0.00 ? 6  DG  A "O3'"  1 
ATOM   167 C "C2'"  . DG  A 1 6 ? 9.907  -0.156 8.495   1.00 0.00 ? 6  DG  A "C2'"  1 
ATOM   168 C "C1'"  . DG  A 1 6 ? 10.033 1.028  7.564   1.00 0.00 ? 6  DG  A "C1'"  1 
ATOM   169 N N9     . DG  A 1 6 ? 9.057  2.104  7.827   1.00 0.00 ? 6  DG  A N9     1 
ATOM   170 C C8     . DG  A 1 6 ? 9.277  3.450  7.855   1.00 0.00 ? 6  DG  A C8     1 
ATOM   171 N N7     . DG  A 1 6 ? 8.198  4.172  7.981   1.00 0.00 ? 6  DG  A N7     1 
ATOM   172 C C5     . DG  A 1 6 ? 7.185  3.223  8.103   1.00 0.00 ? 6  DG  A C5     1 
ATOM   173 C C6     . DG  A 1 6 ? 5.782  3.392  8.277   1.00 0.00 ? 6  DG  A C6     1 
ATOM   174 O O6     . DG  A 1 6 ? 5.140  4.437  8.370   1.00 0.00 ? 6  DG  A O6     1 
ATOM   175 N N1     . DG  A 1 6 ? 5.126  2.168  8.338   1.00 0.00 ? 6  DG  A N1     1 
ATOM   176 C C2     . DG  A 1 6 ? 5.737  0.936  8.286   1.00 0.00 ? 6  DG  A C2     1 
ATOM   177 N N2     . DG  A 1 6 ? 4.955  -0.142 8.333   1.00 0.00 ? 6  DG  A N2     1 
ATOM   178 N N3     . DG  A 1 6 ? 7.056  0.779  8.167   1.00 0.00 ? 6  DG  A N3     1 
ATOM   179 C C4     . DG  A 1 6 ? 7.709  1.958  8.057   1.00 0.00 ? 6  DG  A C4     1 
ATOM   180 H "H5'"  . DG  A 1 6 ? 9.575  -2.885 5.675   1.00 0.00 ? 6  DG  A "H5'"  1 
ATOM   181 H "H5''" . DG  A 1 6 ? 8.234  -1.991 6.274   1.00 0.00 ? 6  DG  A "H5''" 1 
ATOM   182 H "H4'"  . DG  A 1 6 ? 11.020 -0.956 5.651   1.00 0.00 ? 6  DG  A "H4'"  1 
ATOM   183 H "H3'"  . DG  A 1 6 ? 10.287 -2.345 7.963   1.00 0.00 ? 6  DG  A "H3'"  1 
ATOM   184 H "HO3'" . DG  A 1 6 ? 12.361 -1.836 7.174   1.00 0.00 ? 6  DG  A "HO3'" 1 
ATOM   185 H "H2'"  . DG  A 1 6 ? 8.845  -0.366 8.612   1.00 0.00 ? 6  DG  A "H2'"  1 
ATOM   186 H "H2''" . DG  A 1 6 ? 10.368 0.147  9.436   1.00 0.00 ? 6  DG  A "H2''" 1 
ATOM   187 H "H1'"  . DG  A 1 6 ? 11.042 1.444  7.600   1.00 0.00 ? 6  DG  A "H1'"  1 
ATOM   188 H H8     . DG  A 1 6 ? 10.284 3.859  7.785   1.00 0.00 ? 6  DG  A H8     1 
ATOM   189 H H1     . DG  A 1 6 ? 4.120  2.185  8.422   1.00 0.00 ? 6  DG  A H1     1 
ATOM   190 H H21    . DG  A 1 6 ? 3.956  -0.036 8.447   1.00 0.00 ? 6  DG  A H21    1 
ATOM   191 H H22    . DG  A 1 6 ? 5.359  -1.063 8.266   1.00 0.00 ? 6  DG  A H22    1 
ATOM   192 O "O5'"  . DC  B 1 1 ? -3.302 0.927  10.715  1.00 0.00 ? 7  DC  B "O5'"  1 
ATOM   193 C "C5'"  . DC  B 1 1 ? -3.844 -0.099 9.870   1.00 0.00 ? 7  DC  B "C5'"  1 
ATOM   194 C "C4'"  . DC  B 1 1 ? -2.762 -1.040 9.277   1.00 0.00 ? 7  DC  B "C4'"  1 
ATOM   195 O "O4'"  . DC  B 1 1 ? -1.897 -0.271 8.427   1.00 0.00 ? 7  DC  B "O4'"  1 
ATOM   196 C "C3'"  . DC  B 1 1 ? -1.854 -1.723 10.323  1.00 0.00 ? 7  DC  B "C3'"  1 
ATOM   197 O "O3'"  . DC  B 1 1 ? -1.269 -2.978 9.928   1.00 0.00 ? 7  DC  B "O3'"  1 
ATOM   198 C "C2'"  . DC  B 1 1 ? -0.778 -0.678 10.410  1.00 0.00 ? 7  DC  B "C2'"  1 
ATOM   199 C "C1'"  . DC  B 1 1 ? -0.565 -0.322 8.956   1.00 0.00 ? 7  DC  B "C1'"  1 
ATOM   200 N N1     . DC  B 1 1 ? 0.162  0.960  8.808   1.00 0.00 ? 7  DC  B N1     1 
ATOM   201 C C2     . DC  B 1 1 ? 1.549  0.934  8.708   1.00 0.00 ? 7  DC  B C2     1 
ATOM   202 O O2     . DC  B 1 1 ? 2.155  -0.135 8.697   1.00 0.00 ? 7  DC  B O2     1 
ATOM   203 N N3     . DC  B 1 1 ? 2.222  2.112  8.619   1.00 0.00 ? 7  DC  B N3     1 
ATOM   204 C C4     . DC  B 1 1 ? 1.574  3.284  8.607   1.00 0.00 ? 7  DC  B C4     1 
ATOM   205 N N4     . DC  B 1 1 ? 2.272  4.416  8.521   1.00 0.00 ? 7  DC  B N4     1 
ATOM   206 C C5     . DC  B 1 1 ? 0.145  3.337  8.678   1.00 0.00 ? 7  DC  B C5     1 
ATOM   207 C C6     . DC  B 1 1 ? -0.527 2.132  8.780   1.00 0.00 ? 7  DC  B C6     1 
ATOM   208 H "H5'"  . DC  B 1 1 ? -4.330 0.429  9.052   1.00 0.00 ? 7  DC  B "H5'"  1 
ATOM   209 H "H5''" . DC  B 1 1 ? -4.603 -0.650 10.428  1.00 0.00 ? 7  DC  B "H5''" 1 
ATOM   210 H "H4'"  . DC  B 1 1 ? -3.225 -1.817 8.664   1.00 0.00 ? 7  DC  B "H4'"  1 
ATOM   211 H "H3'"  . DC  B 1 1 ? -2.414 -1.910 11.234  1.00 0.00 ? 7  DC  B "H3'"  1 
ATOM   212 H "H2'"  . DC  B 1 1 ? -1.177 0.182  10.947  1.00 0.00 ? 7  DC  B "H2'"  1 
ATOM   213 H "H2''" . DC  B 1 1 ? 0.157  -1.015 10.853  1.00 0.00 ? 7  DC  B "H2''" 1 
ATOM   214 H "H1'"  . DC  B 1 1 ? -0.039 -1.139 8.470   1.00 0.00 ? 7  DC  B "H1'"  1 
ATOM   215 H H41    . DC  B 1 1 ? 3.283  4.400  8.470   1.00 0.00 ? 7  DC  B H41    1 
ATOM   216 H H42    . DC  B 1 1 ? 1.788  5.299  8.476   1.00 0.00 ? 7  DC  B H42    1 
ATOM   217 H H5     . DC  B 1 1 ? -0.368 4.272  8.650   1.00 0.00 ? 7  DC  B H5     1 
ATOM   218 H H6     . DC  B 1 1 ? -1.601 2.082  8.836   1.00 0.00 ? 7  DC  B H6     1 
ATOM   219 H "HO5'" . DC  B 1 1 ? -4.030 1.499  10.986  1.00 0.00 ? 7  DC  B "HO5'" 1 
ATOM   220 P P      . DG  B 1 2 ? -1.978 -4.373 10.326  1.00 0.00 ? 8  DG  B P      1 
ATOM   221 O OP1    . DG  B 1 2 ? -2.369 -4.311 11.753  1.00 0.00 ? 8  DG  B OP1    1 
ATOM   222 O OP2    . DG  B 1 2 ? -1.170 -5.511 9.824   1.00 0.00 ? 8  DG  B OP2    1 
ATOM   223 O "O5'"  . DG  B 1 2 ? -3.307 -4.254 9.430   1.00 0.00 ? 8  DG  B "O5'"  1 
ATOM   224 C "C5'"  . DG  B 1 2 ? -3.187 -4.345 8.009   1.00 0.00 ? 8  DG  B "C5'"  1 
ATOM   225 C "C4'"  . DG  B 1 2 ? -4.396 -3.758 7.283   1.00 0.00 ? 8  DG  B "C4'"  1 
ATOM   226 O "O4'"  . DG  B 1 2 ? -4.667 -2.358 7.511   1.00 0.00 ? 8  DG  B "O4'"  1 
ATOM   227 C "C3'"  . DG  B 1 2 ? -4.255 -3.888 5.764   1.00 0.00 ? 8  DG  B "C3'"  1 
ATOM   228 O "O3'"  . DG  B 1 2 ? -4.528 -5.212 5.270   1.00 0.00 ? 8  DG  B "O3'"  1 
ATOM   229 C "C2'"  . DG  B 1 2 ? -5.285 -2.889 5.270   1.00 0.00 ? 8  DG  B "C2'"  1 
ATOM   230 C "C1'"  . DG  B 1 2 ? -5.331 -1.784 6.353   1.00 0.00 ? 8  DG  B "C1'"  1 
ATOM   231 N N9     . DG  B 1 2 ? -4.800 -0.415 6.095   1.00 0.00 ? 8  DG  B N9     1 
ATOM   232 C C8     . DG  B 1 2 ? -5.489 0.773  6.127   1.00 0.00 ? 8  DG  B C8     1 
ATOM   233 N N7     . DG  B 1 2 ? -4.740 1.835  6.030   1.00 0.00 ? 8  DG  B N7     1 
ATOM   234 C C5     . DG  B 1 2 ? -3.457 1.321  5.874   1.00 0.00 ? 8  DG  B C5     1 
ATOM   235 C C6     . DG  B 1 2 ? -2.213 2.000  5.722   1.00 0.00 ? 8  DG  B C6     1 
ATOM   236 O O6     . DG  B 1 2 ? -2.001 3.210  5.704   1.00 0.00 ? 8  DG  B O6     1 
ATOM   237 N N1     . DG  B 1 2 ? -1.159 1.108  5.591   1.00 0.00 ? 8  DG  B N1     1 
ATOM   238 C C2     . DG  B 1 2 ? -1.289 -0.261 5.578   1.00 0.00 ? 8  DG  B C2     1 
ATOM   239 N N2     . DG  B 1 2 ? -0.181 -0.995 5.487   1.00 0.00 ? 8  DG  B N2     1 
ATOM   240 N N3     . DG  B 1 2 ? -2.459 -0.897 5.675   1.00 0.00 ? 8  DG  B N3     1 
ATOM   241 C C4     . DG  B 1 2 ? -3.494 -0.051 5.845   1.00 0.00 ? 8  DG  B C4     1 
ATOM   242 H "H5'"  . DG  B 1 2 ? -3.120 -5.408 7.777   1.00 0.00 ? 8  DG  B "H5'"  1 
ATOM   243 H "H5''" . DG  B 1 2 ? -2.263 -3.876 7.684   1.00 0.00 ? 8  DG  B "H5''" 1 
ATOM   244 H "H4'"  . DG  B 1 2 ? -5.198 -4.325 7.721   1.00 0.00 ? 8  DG  B "H4'"  1 
ATOM   245 H "H3'"  . DG  B 1 2 ? -3.269 -3.516 5.490   1.00 0.00 ? 8  DG  B "H3'"  1 
ATOM   246 H "H2'"  . DG  B 1 2 ? -5.061 -2.546 4.258   1.00 0.00 ? 8  DG  B "H2'"  1 
ATOM   247 H "H2''" . DG  B 1 2 ? -6.237 -3.436 5.241   1.00 0.00 ? 8  DG  B "H2''" 1 
ATOM   248 H "H1'"  . DG  B 1 2 ? -6.387 -1.616 6.577   1.00 0.00 ? 8  DG  B "H1'"  1 
ATOM   249 H H8     . DG  B 1 2 ? -6.574 0.841  6.227   1.00 0.00 ? 8  DG  B H8     1 
ATOM   250 H H1     . DG  B 1 2 ? -0.229 1.494  5.506   1.00 0.00 ? 8  DG  B H1     1 
ATOM   251 H H21    . DG  B 1 2 ? 0.713  -0.547 5.331   1.00 0.00 ? 8  DG  B H21    1 
ATOM   252 H H22    . DG  B 1 2 ? -0.240 -1.998 5.563   1.00 0.00 ? 8  DG  B H22    1 
ATOM   253 P P      . DC  B 1 3 ? -3.520 -5.942 4.232   1.00 0.00 ? 9  DC  B P      1 
ATOM   254 O OP1    . DC  B 1 3 ? -4.021 -7.306 3.948   1.00 0.00 ? 9  DC  B OP1    1 
ATOM   255 O OP2    . DC  B 1 3 ? -2.143 -5.749 4.739   1.00 0.00 ? 9  DC  B OP2    1 
ATOM   256 O "O5'"  . DC  B 1 3 ? -3.694 -5.063 2.884   1.00 0.00 ? 9  DC  B "O5'"  1 
ATOM   257 C "C5'"  . DC  B 1 3 ? -3.242 -5.540 1.606   1.00 0.00 ? 9  DC  B "C5'"  1 
ATOM   258 C "C4'"  . DC  B 1 3 ? -2.014 -4.791 1.081   1.00 0.00 ? 9  DC  B "C4'"  1 
ATOM   259 O "O4'"  . DC  B 1 3 ? -2.340 -3.410 0.856   1.00 0.00 ? 9  DC  B "O4'"  1 
ATOM   260 C "C3'"  . DC  B 1 3 ? -0.782 -4.809 2.010   1.00 0.00 ? 9  DC  B "C3'"  1 
ATOM   261 O "O3'"  . DC  B 1 3 ? 0.462  -4.931 1.306   1.00 0.00 ? 9  DC  B "O3'"  1 
ATOM   262 C "C2'"  . DC  B 1 3 ? -0.842 -3.430 2.615   1.00 0.00 ? 9  DC  B "C2'"  1 
ATOM   263 C "C1'"  . DC  B 1 3 ? -1.332 -2.591 1.468   1.00 0.00 ? 9  DC  B "C1'"  1 
ATOM   264 N N1     . DC  B 1 3 ? -1.874 -1.286 1.916   1.00 0.00 ? 9  DC  B N1     1 
ATOM   265 C C2     . DC  B 1 3 ? -1.004 -0.220 2.129   1.00 0.00 ? 9  DC  B C2     1 
ATOM   266 O O2     . DC  B 1 3 ? 0.217  -0.349 2.031   1.00 0.00 ? 9  DC  B O2     1 
ATOM   267 N N3     . DC  B 1 3 ? -1.538 0.988  2.458   1.00 0.00 ? 9  DC  B N3     1 
ATOM   268 C C4     . DC  B 1 3 ? -2.863 1.172  2.575   1.00 0.00 ? 9  DC  B C4     1 
ATOM   269 N N4     . DC  B 1 3 ? -3.320 2.384  2.905   1.00 0.00 ? 9  DC  B N4     1 
ATOM   270 C C5     . DC  B 1 3 ? -3.777 0.096  2.354   1.00 0.00 ? 9  DC  B C5     1 
ATOM   271 C C6     . DC  B 1 3 ? -3.219 -1.147 2.094   1.00 0.00 ? 9  DC  B C6     1 
ATOM   272 H "H5'"  . DC  B 1 3 ? -4.053 -5.393 0.891   1.00 0.00 ? 9  DC  B "H5'"  1 
ATOM   273 H "H5''" . DC  B 1 3 ? -3.010 -6.605 1.653   1.00 0.00 ? 9  DC  B "H5''" 1 
ATOM   274 H "H4'"  . DC  B 1 3 ? -1.739 -5.246 0.130   1.00 0.00 ? 9  DC  B "H4'"  1 
ATOM   275 H "H3'"  . DC  B 1 3 ? -0.890 -5.612 2.739   1.00 0.00 ? 9  DC  B "H3'"  1 
ATOM   276 H "H2'"  . DC  B 1 3 ? -1.588 -3.436 3.398   1.00 0.00 ? 9  DC  B "H2'"  1 
ATOM   277 H "H2''" . DC  B 1 3 ? 0.105  -3.040 2.992   1.00 0.00 ? 9  DC  B "H2''" 1 
ATOM   278 H "H1'"  . DC  B 1 3 ? -0.524 -2.472 0.755   1.00 0.00 ? 9  DC  B "H1'"  1 
ATOM   279 H H41    . DC  B 1 3 ? -2.645 3.122  3.067   1.00 0.00 ? 9  DC  B H41    1 
ATOM   280 H H42    . DC  B 1 3 ? -4.310 2.562  3.014   1.00 0.00 ? 9  DC  B H42    1 
ATOM   281 H H5     . DC  B 1 3 ? -4.836 0.268  2.371   1.00 0.00 ? 9  DC  B H5     1 
ATOM   282 H H6     . DC  B 1 3 ? -3.806 -2.047 2.036   1.00 0.00 ? 9  DC  B H6     1 
HETATM 283 P P      . 8MG B 1 4 ? 1.232  -6.334 1.162   1.00 0.00 ? 10 8MG B P      1 
HETATM 284 O OP3    . 8MG B 1 4 ? 1.220  -7.013 2.478   1.00 0.00 ? 10 8MG B OP3    1 
HETATM 285 O OP2    . 8MG B 1 4 ? 2.518  -6.090 0.468   1.00 0.00 ? 10 8MG B OP2    1 
HETATM 286 O "O5'"  . 8MG B 1 4 ? 0.266  -7.130 0.166   1.00 0.00 ? 10 8MG B "O5'"  1 
HETATM 287 N N9     . 8MG B 1 4 ? -3.960 -5.830 -2.154  1.00 0.00 ? 10 8MG B N9     1 
HETATM 288 C C4     . 8MG B 1 4 ? -3.438 -4.559 -2.091  1.00 0.00 ? 10 8MG B C4     1 
HETATM 289 N N3     . 8MG B 1 4 ? -2.135 -4.227 -2.255  1.00 0.00 ? 10 8MG B N3     1 
HETATM 290 C C2     . 8MG B 1 4 ? -1.925 -2.923 -2.066  1.00 0.00 ? 10 8MG B C2     1 
HETATM 291 N N2     . 8MG B 1 4 ? -0.697 -2.419 -2.163  1.00 0.00 ? 10 8MG B N2     1 
HETATM 292 N N1     . 8MG B 1 4 ? -2.928 -2.024 -1.761  1.00 0.00 ? 10 8MG B N1     1 
HETATM 293 C C6     . 8MG B 1 4 ? -4.265 -2.343 -1.607  1.00 0.00 ? 10 8MG B C6     1 
HETATM 294 O O6     . 8MG B 1 4 ? -5.088 -1.469 -1.345  1.00 0.00 ? 10 8MG B O6     1 
HETATM 295 C C5     . 8MG B 1 4 ? -4.491 -3.730 -1.791  1.00 0.00 ? 10 8MG B C5     1 
HETATM 296 N N7     . 8MG B 1 4 ? -5.683 -4.444 -1.739  1.00 0.00 ? 10 8MG B N7     1 
HETATM 297 C C8     . 8MG B 1 4 ? -5.311 -5.664 -1.974  1.00 0.00 ? 10 8MG B C8     1 
HETATM 298 C "C2'"  . 8MG B 1 4 ? -2.480 -7.298 -3.663  1.00 0.00 ? 10 8MG B "C2'"  1 
HETATM 299 C "C5'"  . 8MG B 1 4 ? 0.215  -6.759 -1.212  1.00 0.00 ? 10 8MG B "C5'"  1 
HETATM 300 C "C4'"  . 8MG B 1 4 ? -0.921 -7.477 -1.911  1.00 0.00 ? 10 8MG B "C4'"  1 
HETATM 301 O "O4'"  . 8MG B 1 4 ? -2.188 -7.172 -1.312  1.00 0.00 ? 10 8MG B "O4'"  1 
HETATM 302 C "C1'"  . 8MG B 1 4 ? -3.199 -7.083 -2.328  1.00 0.00 ? 10 8MG B "C1'"  1 
HETATM 303 C "C3'"  . 8MG B 1 4 ? -1.005 -7.081 -3.380  1.00 0.00 ? 10 8MG B "C3'"  1 
HETATM 304 O "O3'"  . 8MG B 1 4 ? -0.193 -7.950 -4.189  1.00 0.00 ? 10 8MG B "O3'"  1 
HETATM 305 C C      . 8MG B 1 4 ? -6.330 -6.806 -2.040  1.00 0.00 ? 10 8MG B C      1 
HETATM 306 H H21    . 8MG B 1 4 ? 0.090  -3.038 -2.307  1.00 0.00 ? 10 8MG B H21    1 
HETATM 307 H H22    . 8MG B 1 4 ? -0.570 -1.416 -2.100  1.00 0.00 ? 10 8MG B H22    1 
HETATM 308 H H1     . 8MG B 1 4 ? -2.687 -1.054 -1.628  1.00 0.00 ? 10 8MG B H1     1 
HETATM 309 H "H2'"  . 8MG B 1 4 ? -2.837 -6.653 -4.470  1.00 0.00 ? 10 8MG B "H2'"  1 
HETATM 310 H "H2''" . 8MG B 1 4 ? -2.580 -8.341 -3.982  1.00 0.00 ? 10 8MG B "H2''" 1 
HETATM 311 H "H5'"  . 8MG B 1 4 ? 1.170  -7.024 -1.666  1.00 0.00 ? 10 8MG B "H5'"  1 
HETATM 312 H "H5''" . 8MG B 1 4 ? 0.084  -5.683 -1.322  1.00 0.00 ? 10 8MG B "H5''" 1 
HETATM 313 H "H4'"  . 8MG B 1 4 ? -0.730 -8.533 -1.789  1.00 0.00 ? 10 8MG B "H4'"  1 
HETATM 314 H "H1'"  . 8MG B 1 4 ? -3.897 -7.903 -2.172  1.00 0.00 ? 10 8MG B "H1'"  1 
HETATM 315 H "H3'"  . 8MG B 1 4 ? -0.768 -6.021 -3.467  1.00 0.00 ? 10 8MG B "H3'"  1 
HETATM 316 H HC1    . 8MG B 1 4 ? -6.100 -7.556 -1.285  1.00 0.00 ? 10 8MG B HC1    1 
HETATM 317 H HC2    . 8MG B 1 4 ? -6.312 -7.266 -3.028  1.00 0.00 ? 10 8MG B HC2    1 
HETATM 318 H HC3    . 8MG B 1 4 ? -7.327 -6.408 -1.847  1.00 0.00 ? 10 8MG B HC3    1 
ATOM   319 P P      . DC  B 1 5 ? -0.043 -7.791 -5.789  1.00 0.00 ? 11 DC  B P      1 
ATOM   320 O OP1    . DC  B 1 5 ? -1.362 -7.398 -6.336  1.00 0.00 ? 11 DC  B OP1    1 
ATOM   321 O OP2    . DC  B 1 5 ? 0.643  -8.991 -6.318  1.00 0.00 ? 11 DC  B OP2    1 
ATOM   322 O "O5'"  . DC  B 1 5 ? 0.941  -6.536 -5.916  1.00 0.00 ? 11 DC  B "O5'"  1 
ATOM   323 C "C5'"  . DC  B 1 5 ? 1.381  -6.065 -7.189  1.00 0.00 ? 11 DC  B "C5'"  1 
ATOM   324 C "C4'"  . DC  B 1 5 ? 1.291  -4.558 -7.289  1.00 0.00 ? 11 DC  B "C4'"  1 
ATOM   325 O "O4'"  . DC  B 1 5 ? -0.074 -4.135 -7.295  1.00 0.00 ? 11 DC  B "O4'"  1 
ATOM   326 C "C3'"  . DC  B 1 5 ? 1.998  -3.785 -6.166  1.00 0.00 ? 11 DC  B "C3'"  1 
ATOM   327 O "O3'"  . DC  B 1 5 ? 2.874  -2.759 -6.650  1.00 0.00 ? 11 DC  B "O3'"  1 
ATOM   328 C "C2'"  . DC  B 1 5 ? 0.837  -3.186 -5.430  1.00 0.00 ? 11 DC  B "C2'"  1 
ATOM   329 C "C1'"  . DC  B 1 5 ? -0.170 -2.944 -6.511  1.00 0.00 ? 11 DC  B "C1'"  1 
ATOM   330 N N1     . DC  B 1 5 ? -1.510 -2.793 -5.913  1.00 0.00 ? 11 DC  B N1     1 
ATOM   331 C C2     . DC  B 1 5 ? -1.880 -1.559 -5.391  1.00 0.00 ? 11 DC  B C2     1 
ATOM   332 O O2     . DC  B 1 5 ? -1.094 -0.614 -5.396  1.00 0.00 ? 11 DC  B O2     1 
ATOM   333 N N3     . DC  B 1 5 ? -3.128 -1.425 -4.868  1.00 0.00 ? 11 DC  B N3     1 
ATOM   334 C C4     . DC  B 1 5 ? -3.987 -2.451 -4.850  1.00 0.00 ? 11 DC  B C4     1 
ATOM   335 N N4     . DC  B 1 5 ? -5.214 -2.264 -4.364  1.00 0.00 ? 11 DC  B N4     1 
ATOM   336 C C5     . DC  B 1 5 ? -3.616 -3.735 -5.352  1.00 0.00 ? 11 DC  B C5     1 
ATOM   337 C C6     . DC  B 1 5 ? -2.350 -3.861 -5.883  1.00 0.00 ? 11 DC  B C6     1 
ATOM   338 H "H5'"  . DC  B 1 5 ? 0.723  -6.447 -7.969  1.00 0.00 ? 11 DC  B "H5'"  1 
ATOM   339 H "H5''" . DC  B 1 5 ? 2.407  -6.376 -7.389  1.00 0.00 ? 11 DC  B "H5''" 1 
ATOM   340 H "H4'"  . DC  B 1 5 ? 1.762  -4.301 -8.232  1.00 0.00 ? 11 DC  B "H4'"  1 
ATOM   341 H "H3'"  . DC  B 1 5 ? 2.538  -4.497 -5.540  1.00 0.00 ? 11 DC  B "H3'"  1 
ATOM   342 H "H2'"  . DC  B 1 5 ? 0.435  -3.944 -4.770  1.00 0.00 ? 11 DC  B "H2'"  1 
ATOM   343 H "H2''" . DC  B 1 5 ? 1.052  -2.269 -4.882  1.00 0.00 ? 11 DC  B "H2''" 1 
ATOM   344 H "H1'"  . DC  B 1 5 ? 0.124  -2.082 -7.099  1.00 0.00 ? 11 DC  B "H1'"  1 
ATOM   345 H H41    . DC  B 1 5 ? -5.488 -1.365 -3.989  1.00 0.00 ? 11 DC  B H41    1 
ATOM   346 H H42    . DC  B 1 5 ? -5.870 -3.032 -4.351  1.00 0.00 ? 11 DC  B H42    1 
ATOM   347 H H5     . DC  B 1 5 ? -4.295 -4.553 -5.312  1.00 0.00 ? 11 DC  B H5     1 
ATOM   348 H H6     . DC  B 1 5 ? -1.978 -4.791 -6.288  1.00 0.00 ? 11 DC  B H6     1 
ATOM   349 P P      . DG  B 1 6 ? 4.370  -3.195 -7.019  1.00 0.00 ? 12 DG  B P      1 
ATOM   350 O OP1    . DG  B 1 6 ? 4.863  -4.053 -5.917  1.00 0.00 ? 12 DG  B OP1    1 
ATOM   351 O OP2    . DG  B 1 6 ? 5.144  -2.010 -7.456  1.00 0.00 ? 12 DG  B OP2    1 
ATOM   352 O "O5'"  . DG  B 1 6 ? 4.088  -4.151 -8.267  1.00 0.00 ? 12 DG  B "O5'"  1 
ATOM   353 C "C5'"  . DG  B 1 6 ? 3.772  -3.714 -9.583  1.00 0.00 ? 12 DG  B "C5'"  1 
ATOM   354 C "C4'"  . DG  B 1 6 ? 3.406  -4.942 -10.391 1.00 0.00 ? 12 DG  B "C4'"  1 
ATOM   355 O "O4'"  . DG  B 1 6 ? 2.236  -5.623 -9.899  1.00 0.00 ? 12 DG  B "O4'"  1 
ATOM   356 C "C3'"  . DG  B 1 6 ? 3.214  -4.685 -11.880 1.00 0.00 ? 12 DG  B "C3'"  1 
ATOM   357 O "O3'"  . DG  B 1 6 ? 3.910  -5.727 -12.562 1.00 0.00 ? 12 DG  B "O3'"  1 
ATOM   358 C "C2'"  . DG  B 1 6 ? 1.696  -4.884 -11.983 1.00 0.00 ? 12 DG  B "C2'"  1 
ATOM   359 C "C1'"  . DG  B 1 6 ? 1.402  -5.995 -11.002 1.00 0.00 ? 12 DG  B "C1'"  1 
ATOM   360 N N9     . DG  B 1 6 ? -0.004 -6.036 -10.548 1.00 0.00 ? 12 DG  B N9     1 
ATOM   361 C C8     . DG  B 1 6 ? -0.808 -7.129 -10.401 1.00 0.00 ? 12 DG  B C8     1 
ATOM   362 N N7     . DG  B 1 6 ? -1.965 -6.880 -9.855  1.00 0.00 ? 12 DG  B N7     1 
ATOM   363 C C5     . DG  B 1 6 ? -1.949 -5.498 -9.677  1.00 0.00 ? 12 DG  B C5     1 
ATOM   364 C C6     . DG  B 1 6 ? -2.936 -4.629 -9.132  1.00 0.00 ? 12 DG  B C6     1 
ATOM   365 O O6     . DG  B 1 6 ? -4.051 -4.910 -8.698  1.00 0.00 ? 12 DG  B O6     1 
ATOM   366 N N1     . DG  B 1 6 ? -2.504 -3.307 -9.126  1.00 0.00 ? 12 DG  B N1     1 
ATOM   367 C C2     . DG  B 1 6 ? -1.297 -2.864 -9.621  1.00 0.00 ? 12 DG  B C2     1 
ATOM   368 N N2     . DG  B 1 6 ? -1.029 -1.564 -9.513  1.00 0.00 ? 12 DG  B N2     1 
ATOM   369 N N3     . DG  B 1 6 ? -0.391 -3.674 -10.171 1.00 0.00 ? 12 DG  B N3     1 
ATOM   370 C C4     . DG  B 1 6 ? -0.772 -4.972 -10.143 1.00 0.00 ? 12 DG  B C4     1 
ATOM   371 H "H5'"  . DG  B 1 6 ? 4.689  -3.309 -9.963  1.00 0.00 ? 12 DG  B "H5'"  1 
ATOM   372 H "H5''" . DG  B 1 6 ? 3.044  -2.907 -9.666  1.00 0.00 ? 12 DG  B "H5''" 1 
ATOM   373 H "H4'"  . DG  B 1 6 ? 4.204  -5.656 -10.227 1.00 0.00 ? 12 DG  B "H4'"  1 
ATOM   374 H "H3'"  . DG  B 1 6 ? 3.647  -3.707 -12.152 1.00 0.00 ? 12 DG  B "H3'"  1 
ATOM   375 H "HO3'" . DG  B 1 6 ? 4.842  -5.635 -12.346 1.00 0.00 ? 12 DG  B "HO3'" 1 
ATOM   376 H "H2'"  . DG  B 1 6 ? 1.185  -3.991 -11.628 1.00 0.00 ? 12 DG  B "H2'"  1 
ATOM   377 H "H2''" . DG  B 1 6 ? 1.308  -5.218 -12.947 1.00 0.00 ? 12 DG  B "H2''" 1 
ATOM   378 H "H1'"  . DG  B 1 6 ? 1.670  -6.965 -11.423 1.00 0.00 ? 12 DG  B "H1'"  1 
ATOM   379 H H8     . DG  B 1 6 ? -0.483 -8.116 -10.731 1.00 0.00 ? 12 DG  B H8     1 
ATOM   380 H H1     . DG  B 1 6 ? -3.121 -2.619 -8.722  1.00 0.00 ? 12 DG  B H1     1 
ATOM   381 H H21    . DG  B 1 6 ? -1.717 -0.937 -9.121  1.00 0.00 ? 12 DG  B H21    1 
ATOM   382 H H22    . DG  B 1 6 ? -0.144 -1.202 -9.834  1.00 0.00 ? 12 DG  B H22    1 
# 
